data_8UB7
#
_entry.id   8UB7
#
_cell.length_a   1.00
_cell.length_b   1.00
_cell.length_c   1.00
_cell.angle_alpha   90.00
_cell.angle_beta   90.00
_cell.angle_gamma   90.00
#
_symmetry.space_group_name_H-M   'P 1'
#
loop_
_entity.id
_entity.type
_entity.pdbx_description
1 polymer 'Reverse transcriptase'
2 polymer Avd
3 polymer 'Diversity-generating retroelement (DGR) RNA avd'
4 polymer 'Diversity-generating retroelement (DGR) RNA TR'
5 polymer 'Diversity-generating retroelement (DGR) RNA Sp'
6 non-polymer "2'-DEOXYCYTIDINE-5'-TRIPHOSPHATE"
7 non-polymer 'MAGNESIUM ION'
#
loop_
_entity_poly.entity_id
_entity_poly.type
_entity_poly.pdbx_seq_one_letter_code
_entity_poly.pdbx_strand_id
1 'polypeptide(L)'
;MGKRHRNLIDQITTWENLLDAYRKTSHGKRRTWGYLEFKEYDLANLLALQAELKAGNYERGPYREFLVYEPKPRLISALE
FKDRLVQHALCNIVAPIFEAGLLPYTYACRPDKGTHAGVCHVQAELRRTRATHFLKSDFSKFFPSIDRAALYAMIDKKIH
CAATRRLLRVVLPDEGVGIPIGSLTSQLFANVYGGAVDRLLHDELKQRHWARYMDDIVVLGDDPEELRAVFYRLRDFASE
RLGLKISHWQVAPVSRGINFLGYRIWPTHKLLRKSSVKRAKRKVANFIKHGEDESLQRFLASWSGHAQWADTHNLFTWME
EQYGIACH
;
A
2 'polypeptide(L)'
;MEPIEEATKCYDQMLIVERYERVISYLYPIAQSIPRKHGVAREMFLKCLLGQVELFIVAGKSNQVSKLYAADAGLAMLRF
WLRFLAGIQKPHAMTPHQVETAQVLIAEVGRILGSWIARVNRKGTKVQVGEALVGDGNEVAHIDLIIGPRGSPAETAFCN
GLVNNKHGFTSLLAVIAPNLPCKPNTLMFNKVTINDARQAVQMFGPAQHGVAMAVQDAVAEGIIPADEADDLYVLVGVFI
HWEAADDAKIQKYNYEATKLSIQRAVNGEPKASVVTEQRKSATHPFAANA
;
B,C,D,E,F
3 'polyribonucleotide' GGGGCAGGCUGGGAAAUAA G
4 'polyribonucleotide' CGCUGCUGCGCGGCGACUGUGCCCAUCACCUUCUUG H
5 'polyribonucleotide'
;CAUGGCUCUGCCAACGCUACGGCUUGGCGGGCUGGCCUUUCCUCAAUAGGUGGUCAGCCGGUUCUGUCCUGCUUCGGCGA
ACACGUUACACGGUUCGGCAAAACGUCGAUUACUGAAAAUGGAAAGGCGGGGCCGACUUC
;
I
#
loop_
_chem_comp.id
_chem_comp.type
_chem_comp.name
_chem_comp.formula
A RNA linking ADENOSINE-5'-MONOPHOSPHATE 'C10 H14 N5 O7 P'
C RNA linking CYTIDINE-5'-MONOPHOSPHATE 'C9 H14 N3 O8 P'
DCP non-polymer 2'-DEOXYCYTIDINE-5'-TRIPHOSPHATE 'C9 H16 N3 O13 P3'
G RNA linking GUANOSINE-5'-MONOPHOSPHATE 'C10 H14 N5 O8 P'
MG non-polymer 'MAGNESIUM ION' 'Mg 2'
U RNA linking URIDINE-5'-MONOPHOSPHATE 'C9 H13 N2 O9 P'
#
# COMPACT_ATOMS: atom_id res chain seq x y z
N MET A 1 43.06 -4.10 9.74
CA MET A 1 42.52 -4.33 11.11
C MET A 1 43.02 -5.65 11.65
N GLY A 2 44.30 -5.67 11.98
CA GLY A 2 44.96 -6.92 12.29
C GLY A 2 45.23 -7.69 11.02
N LYS A 3 44.92 -7.07 9.88
CA LYS A 3 45.00 -7.75 8.58
C LYS A 3 43.91 -8.81 8.61
N ARG A 4 44.18 -10.05 8.23
CA ARG A 4 43.21 -11.13 8.28
C ARG A 4 42.00 -10.69 7.59
N HIS A 5 40.81 -10.80 8.18
CA HIS A 5 39.48 -10.43 7.62
C HIS A 5 38.88 -11.75 7.38
N ARG A 6 39.06 -12.64 8.32
CA ARG A 6 38.64 -13.99 8.08
C ARG A 6 37.36 -14.47 8.61
N ASN A 7 36.23 -13.83 8.35
CA ASN A 7 34.91 -14.34 8.68
C ASN A 7 33.97 -13.27 8.30
N LEU A 8 33.86 -12.96 7.02
CA LEU A 8 33.06 -11.82 6.63
C LEU A 8 31.67 -12.28 6.21
N ILE A 9 31.59 -13.54 5.78
CA ILE A 9 30.33 -14.06 5.31
C ILE A 9 29.35 -14.18 6.46
N ASP A 10 29.86 -14.21 7.69
CA ASP A 10 29.03 -14.14 8.88
C ASP A 10 28.38 -12.76 9.02
N GLN A 11 29.14 -11.70 8.72
CA GLN A 11 28.63 -10.34 8.83
C GLN A 11 27.86 -9.92 7.59
N ILE A 12 28.09 -10.60 6.47
CA ILE A 12 27.48 -10.20 5.22
C ILE A 12 26.03 -10.62 5.24
N THR A 13 25.81 -11.76 5.87
CA THR A 13 24.51 -12.37 5.97
C THR A 13 23.82 -12.13 7.31
N THR A 14 24.46 -11.43 8.26
CA THR A 14 23.68 -10.96 9.39
C THR A 14 22.44 -10.31 8.85
N TRP A 15 21.31 -10.69 9.45
CA TRP A 15 20.05 -10.14 9.05
C TRP A 15 20.10 -8.61 9.10
N GLU A 16 20.79 -8.08 10.11
CA GLU A 16 20.83 -6.64 10.32
C GLU A 16 21.60 -5.93 9.21
N ASN A 17 22.46 -6.67 8.51
CA ASN A 17 23.21 -6.22 7.33
C ASN A 17 22.37 -6.33 6.08
N LEU A 18 21.67 -7.45 5.95
CA LEU A 18 20.90 -7.68 4.74
C LEU A 18 19.74 -6.72 4.68
N LEU A 19 19.33 -6.27 5.86
CA LEU A 19 18.27 -5.29 5.94
C LEU A 19 18.80 -3.93 5.55
N ASP A 20 20.06 -3.67 5.89
CA ASP A 20 20.73 -2.48 5.41
C ASP A 20 20.93 -2.58 3.89
N ALA A 21 21.44 -3.71 3.44
CA ALA A 21 21.55 -3.97 2.01
C ALA A 21 20.21 -3.78 1.31
N TYR A 22 19.14 -4.31 1.89
CA TYR A 22 17.80 -4.15 1.35
C TYR A 22 17.46 -2.67 1.25
N ARG A 23 17.63 -1.92 2.34
CA ARG A 23 17.22 -0.53 2.30
C ARG A 23 18.07 0.27 1.34
N LYS A 24 19.34 -0.11 1.20
CA LYS A 24 20.26 0.52 0.26
C LYS A 24 19.94 0.13 -1.18
N THR A 25 19.54 -1.11 -1.40
CA THR A 25 19.21 -1.54 -2.74
C THR A 25 17.94 -0.88 -3.24
N SER A 26 17.00 -0.68 -2.31
CA SER A 26 15.70 -0.14 -2.67
C SER A 26 15.73 1.38 -2.72
N HIS A 27 16.72 1.99 -2.06
CA HIS A 27 16.80 3.45 -2.00
C HIS A 27 16.81 4.03 -3.41
N GLY A 28 15.72 4.70 -3.74
CA GLY A 28 15.54 5.29 -5.05
C GLY A 28 14.86 4.39 -6.05
N LYS A 29 14.87 3.08 -5.80
CA LYS A 29 14.41 2.14 -6.80
C LYS A 29 12.96 1.72 -6.50
N ARG A 30 12.26 2.51 -5.71
CA ARG A 30 11.00 2.10 -5.10
C ARG A 30 9.82 2.29 -6.02
N ARG A 31 10.09 2.34 -7.31
CA ARG A 31 9.04 2.48 -8.30
C ARG A 31 9.53 1.62 -9.41
N THR A 32 10.18 0.52 -9.12
CA THR A 32 10.75 -0.31 -10.15
C THR A 32 10.13 -1.66 -9.98
N TRP A 33 10.16 -2.44 -11.03
CA TRP A 33 9.51 -3.74 -10.92
C TRP A 33 10.22 -4.61 -9.93
N GLY A 34 11.52 -4.35 -9.78
CA GLY A 34 12.35 -5.18 -8.93
C GLY A 34 12.02 -4.95 -7.47
N TYR A 35 12.00 -3.69 -7.06
CA TYR A 35 11.63 -3.42 -5.69
C TYR A 35 10.23 -3.92 -5.43
N LEU A 36 9.33 -3.55 -6.31
CA LEU A 36 7.93 -3.81 -6.10
C LEU A 36 7.60 -5.29 -6.16
N GLU A 37 8.39 -6.09 -6.85
CA GLU A 37 8.11 -7.51 -6.86
C GLU A 37 8.75 -8.17 -5.64
N PHE A 38 9.80 -7.55 -5.11
CA PHE A 38 10.52 -8.02 -3.93
C PHE A 38 9.78 -7.56 -2.69
N LYS A 39 9.37 -6.28 -2.68
CA LYS A 39 8.71 -5.65 -1.54
C LYS A 39 7.57 -6.52 -1.05
N GLU A 40 6.91 -7.25 -1.94
CA GLU A 40 5.76 -8.06 -1.55
C GLU A 40 6.05 -8.86 -0.29
N TYR A 41 6.86 -9.86 -0.44
CA TYR A 41 7.27 -10.65 0.69
C TYR A 41 8.72 -10.33 0.97
N ASP A 42 8.99 -9.07 1.35
CA ASP A 42 10.36 -8.61 1.46
C ASP A 42 11.12 -9.41 2.49
N LEU A 43 10.57 -9.53 3.71
CA LEU A 43 11.39 -10.16 4.73
C LEU A 43 11.43 -11.68 4.61
N ALA A 44 10.47 -12.28 3.94
CA ALA A 44 10.59 -13.71 3.62
C ALA A 44 11.59 -13.91 2.48
N ASN A 45 11.71 -12.91 1.63
CA ASN A 45 12.67 -12.94 0.53
C ASN A 45 14.08 -12.84 1.06
N LEU A 46 14.31 -11.85 1.92
CA LEU A 46 15.61 -11.72 2.56
C LEU A 46 15.94 -12.89 3.46
N LEU A 47 14.99 -13.74 3.78
CA LEU A 47 15.31 -14.84 4.67
C LEU A 47 15.77 -16.02 3.86
N ALA A 48 15.40 -15.98 2.60
CA ALA A 48 15.78 -17.02 1.68
C ALA A 48 17.03 -16.61 0.94
N LEU A 49 17.37 -15.33 1.05
CA LEU A 49 18.58 -14.78 0.48
C LEU A 49 19.69 -14.88 1.50
N GLN A 50 19.44 -14.35 2.71
CA GLN A 50 20.31 -14.56 3.85
C GLN A 50 20.76 -16.01 3.85
N ALA A 51 19.81 -16.93 3.71
CA ALA A 51 20.12 -18.33 3.83
C ALA A 51 20.56 -18.97 2.51
N GLU A 52 20.47 -18.26 1.38
CA GLU A 52 21.23 -18.68 0.22
C GLU A 52 22.71 -18.32 0.40
N LEU A 53 22.98 -17.08 0.82
CA LEU A 53 24.35 -16.60 1.04
C LEU A 53 25.07 -17.36 2.14
N LYS A 54 24.33 -17.66 3.21
CA LYS A 54 24.85 -18.32 4.39
C LYS A 54 25.09 -19.79 4.12
N ALA A 55 24.65 -20.25 2.97
CA ALA A 55 24.84 -21.65 2.63
C ALA A 55 25.95 -21.78 1.60
N GLY A 56 26.01 -20.80 0.71
CA GLY A 56 26.94 -20.83 -0.38
C GLY A 56 26.22 -21.46 -1.54
N ASN A 57 25.01 -20.98 -1.72
CA ASN A 57 24.22 -21.41 -2.86
C ASN A 57 23.70 -20.19 -3.60
N TYR A 58 24.27 -19.02 -3.31
CA TYR A 58 23.88 -17.84 -4.05
C TYR A 58 24.50 -17.95 -5.42
N GLU A 59 23.70 -17.67 -6.43
CA GLU A 59 24.16 -17.63 -7.80
C GLU A 59 23.54 -16.40 -8.43
N ARG A 60 24.42 -15.55 -8.98
CA ARG A 60 24.02 -14.27 -9.52
C ARG A 60 23.21 -14.47 -10.80
N GLY A 61 22.01 -13.87 -10.85
CA GLY A 61 21.19 -13.89 -12.04
C GLY A 61 21.86 -13.11 -13.16
N PRO A 62 21.59 -13.45 -14.43
CA PRO A 62 22.31 -12.83 -15.54
C PRO A 62 22.09 -11.33 -15.63
N TYR A 63 23.16 -10.62 -16.01
CA TYR A 63 23.11 -9.17 -16.18
C TYR A 63 22.20 -8.84 -17.34
N ARG A 64 21.18 -8.02 -17.12
CA ARG A 64 20.35 -7.53 -18.20
C ARG A 64 21.10 -6.37 -18.87
N GLU A 65 21.71 -6.58 -20.05
CA GLU A 65 22.63 -5.59 -20.59
C GLU A 65 21.99 -4.71 -21.67
N PHE A 66 21.68 -3.45 -21.31
CA PHE A 66 21.29 -2.44 -22.27
C PHE A 66 22.47 -1.48 -22.50
N LEU A 67 22.21 -0.34 -23.14
CA LEU A 67 23.25 0.66 -23.36
C LEU A 67 22.60 2.02 -23.70
N VAL A 68 23.11 3.10 -23.05
CA VAL A 68 22.66 4.48 -23.26
C VAL A 68 23.79 5.25 -23.94
N TYR A 69 23.41 6.26 -24.77
CA TYR A 69 24.34 7.14 -25.48
C TYR A 69 24.30 8.59 -24.98
N GLU A 70 23.21 8.95 -24.27
CA GLU A 70 22.97 10.29 -23.75
C GLU A 70 24.12 10.79 -22.87
N PRO A 71 24.61 10.02 -21.87
CA PRO A 71 25.85 10.41 -21.19
C PRO A 71 27.03 10.26 -22.15
N LYS A 72 27.23 9.01 -22.62
CA LYS A 72 28.28 8.57 -23.52
C LYS A 72 27.90 7.16 -23.97
N PRO A 73 28.23 6.68 -25.20
CA PRO A 73 27.99 5.26 -25.50
C PRO A 73 28.55 4.37 -24.39
N ARG A 74 27.66 3.73 -23.63
CA ARG A 74 28.04 2.95 -22.47
C ARG A 74 27.99 1.46 -22.81
N LEU A 75 27.81 0.63 -21.79
CA LEU A 75 27.42 -0.75 -21.97
C LEU A 75 26.78 -1.19 -20.66
N ILE A 76 25.63 -0.61 -20.33
CA ILE A 76 25.12 -0.73 -18.98
C ILE A 76 24.40 -2.06 -18.78
N SER A 77 25.05 -2.93 -18.01
CA SER A 77 24.50 -4.19 -17.55
C SER A 77 23.84 -3.96 -16.19
N ALA A 78 22.51 -4.08 -16.14
CA ALA A 78 21.76 -4.06 -14.90
C ALA A 78 21.72 -5.47 -14.31
N LEU A 79 21.29 -5.52 -13.06
CA LEU A 79 21.11 -6.75 -12.30
C LEU A 79 19.68 -6.78 -11.74
N GLU A 80 19.21 -7.99 -11.40
CA GLU A 80 17.96 -8.12 -10.64
C GLU A 80 18.16 -7.55 -9.24
N PHE A 81 17.08 -7.02 -8.66
CA PHE A 81 17.05 -6.47 -7.31
C PHE A 81 17.67 -7.43 -6.28
N LYS A 82 17.34 -8.72 -6.35
CA LYS A 82 17.97 -9.69 -5.45
C LYS A 82 19.48 -9.61 -5.55
N ASP A 83 19.96 -9.43 -6.78
CA ASP A 83 21.38 -9.48 -7.06
C ASP A 83 22.03 -8.18 -6.64
N ARG A 84 21.36 -7.06 -6.82
CA ARG A 84 21.91 -5.79 -6.35
C ARG A 84 21.92 -5.73 -4.83
N LEU A 85 21.08 -6.53 -4.19
CA LEU A 85 21.02 -6.57 -2.74
C LEU A 85 22.15 -7.41 -2.17
N VAL A 86 22.44 -8.53 -2.83
CA VAL A 86 23.59 -9.34 -2.51
C VAL A 86 24.85 -8.51 -2.69
N GLN A 87 24.91 -7.75 -3.78
CA GLN A 87 26.03 -6.84 -4.02
C GLN A 87 26.13 -5.79 -2.94
N HIS A 88 25.01 -5.24 -2.52
CA HIS A 88 25.03 -4.23 -1.49
C HIS A 88 25.41 -4.77 -0.12
N ALA A 89 25.23 -6.08 0.05
CA ALA A 89 25.45 -6.77 1.31
C ALA A 89 26.88 -7.26 1.43
N LEU A 90 27.46 -7.62 0.30
CA LEU A 90 28.90 -7.69 0.16
C LEU A 90 29.51 -6.33 0.47
N CYS A 91 29.16 -5.36 -0.34
CA CYS A 91 29.84 -4.09 -0.39
C CYS A 91 29.52 -3.23 0.84
N ASN A 92 29.19 -3.88 1.93
CA ASN A 92 28.90 -3.20 3.17
C ASN A 92 29.90 -3.68 4.18
N ILE A 93 30.43 -4.84 3.89
CA ILE A 93 31.42 -5.46 4.72
C ILE A 93 32.76 -5.45 3.98
N VAL A 94 32.68 -5.74 2.70
CA VAL A 94 33.86 -5.88 1.89
C VAL A 94 34.34 -4.53 1.41
N ALA A 95 33.41 -3.61 1.13
CA ALA A 95 33.86 -2.30 0.67
C ALA A 95 34.70 -1.58 1.71
N PRO A 96 34.27 -1.46 2.97
CA PRO A 96 35.13 -0.74 3.89
C PRO A 96 36.42 -1.43 4.31
N ILE A 97 36.73 -2.61 3.79
CA ILE A 97 38.07 -3.16 4.04
C ILE A 97 38.95 -3.01 2.84
N PHE A 98 38.37 -2.48 1.77
CA PHE A 98 39.14 -2.08 0.62
C PHE A 98 39.31 -0.59 0.58
N GLU A 99 38.21 0.12 0.81
CA GLU A 99 38.18 1.56 0.73
C GLU A 99 38.93 2.20 1.88
N ALA A 100 39.50 1.39 2.76
CA ALA A 100 40.30 1.93 3.83
C ALA A 100 41.76 1.88 3.48
N GLY A 101 42.11 0.94 2.63
CA GLY A 101 43.45 0.89 2.07
C GLY A 101 43.65 1.89 0.96
N LEU A 102 42.56 2.42 0.41
CA LEU A 102 42.62 3.36 -0.69
C LEU A 102 43.25 4.63 -0.16
N LEU A 103 44.44 4.94 -0.70
CA LEU A 103 45.17 6.17 -0.43
C LEU A 103 44.23 7.37 -0.50
N PRO A 104 44.54 8.44 0.25
CA PRO A 104 43.64 9.59 0.42
C PRO A 104 43.11 10.15 -0.89
N TYR A 105 44.05 10.21 -1.85
CA TYR A 105 43.89 10.99 -3.06
C TYR A 105 43.18 10.26 -4.19
N THR A 106 42.62 9.08 -3.95
CA THR A 106 41.71 8.50 -4.90
C THR A 106 40.34 9.03 -4.58
N TYR A 107 39.68 9.66 -5.52
CA TYR A 107 38.52 10.42 -5.11
C TYR A 107 37.20 9.81 -5.53
N ALA A 108 37.28 8.62 -6.08
CA ALA A 108 36.12 8.06 -6.74
C ALA A 108 35.38 7.24 -5.72
N CYS A 109 34.13 6.91 -6.09
CA CYS A 109 33.24 6.07 -5.30
C CYS A 109 33.80 5.63 -3.95
N ARG A 110 34.12 6.59 -3.09
CA ARG A 110 34.37 6.27 -1.70
C ARG A 110 33.71 7.39 -0.93
N PRO A 111 32.96 7.04 0.13
CA PRO A 111 32.30 8.05 0.96
C PRO A 111 33.25 9.19 1.35
N ASP A 112 32.73 10.43 1.30
CA ASP A 112 33.37 11.65 1.81
C ASP A 112 34.55 12.10 0.96
N LYS A 113 34.59 11.61 -0.27
CA LYS A 113 35.56 11.98 -1.27
C LYS A 113 34.71 11.97 -2.50
N GLY A 114 34.74 13.01 -3.32
CA GLY A 114 33.96 12.86 -4.52
C GLY A 114 34.61 13.51 -5.73
N THR A 115 33.77 13.75 -6.72
CA THR A 115 34.17 14.56 -7.85
C THR A 115 34.67 15.90 -7.36
N HIS A 116 33.96 16.43 -6.38
CA HIS A 116 34.16 17.82 -6.02
C HIS A 116 35.29 17.99 -5.03
N ALA A 117 35.56 16.95 -4.22
CA ALA A 117 36.71 16.95 -3.30
C ALA A 117 37.99 16.64 -4.05
N GLY A 118 37.84 16.03 -5.22
CA GLY A 118 38.95 15.83 -6.13
C GLY A 118 39.37 17.12 -6.83
N VAL A 119 38.43 17.82 -7.47
CA VAL A 119 38.81 19.05 -8.17
C VAL A 119 39.44 20.00 -7.15
N CYS A 120 38.89 19.98 -5.93
CA CYS A 120 39.41 20.83 -4.88
C CYS A 120 40.79 20.36 -4.45
N HIS A 121 40.96 19.06 -4.22
CA HIS A 121 42.31 18.53 -3.96
C HIS A 121 43.27 19.02 -5.03
N VAL A 122 42.85 18.96 -6.30
CA VAL A 122 43.77 19.25 -7.38
C VAL A 122 44.15 20.71 -7.35
N GLN A 123 43.13 21.58 -7.36
CA GLN A 123 43.35 23.02 -7.28
C GLN A 123 44.26 23.30 -6.12
N ALA A 124 43.86 22.75 -4.98
CA ALA A 124 44.58 22.98 -3.75
C ALA A 124 46.02 22.58 -3.92
N GLU A 125 46.23 21.37 -4.42
CA GLU A 125 47.57 20.82 -4.47
C GLU A 125 48.37 21.51 -5.55
N LEU A 126 47.67 22.33 -6.34
CA LEU A 126 48.15 23.16 -7.42
C LEU A 126 48.62 24.50 -6.87
N ARG A 127 47.85 25.01 -5.89
CA ARG A 127 48.17 26.24 -5.20
C ARG A 127 49.35 26.04 -4.27
N ARG A 128 49.21 25.19 -3.25
CA ARG A 128 50.37 24.68 -2.54
C ARG A 128 51.14 23.84 -3.53
N THR A 129 52.46 23.75 -3.32
CA THR A 129 53.42 23.11 -4.22
C THR A 129 53.82 24.06 -5.35
N ARG A 130 52.97 25.05 -5.67
CA ARG A 130 53.21 25.99 -6.76
C ARG A 130 53.60 25.19 -8.00
N ALA A 131 52.75 24.22 -8.34
CA ALA A 131 53.06 23.23 -9.37
C ALA A 131 53.30 23.97 -10.67
N THR A 132 54.39 23.61 -11.37
CA THR A 132 54.68 24.24 -12.64
C THR A 132 54.08 23.44 -13.80
N HIS A 133 53.89 22.14 -13.58
CA HIS A 133 53.54 21.22 -14.63
C HIS A 133 52.62 20.16 -14.08
N PHE A 134 52.19 19.25 -14.94
CA PHE A 134 51.27 18.23 -14.52
C PHE A 134 51.08 17.19 -15.61
N LEU A 135 50.94 15.94 -15.19
CA LEU A 135 50.69 14.77 -16.03
C LEU A 135 49.25 14.40 -15.80
N LYS A 136 48.45 14.39 -16.85
CA LYS A 136 47.08 13.89 -16.74
C LYS A 136 47.05 12.67 -17.61
N SER A 137 46.49 11.59 -17.11
CA SER A 137 46.45 10.35 -17.85
C SER A 137 45.03 9.80 -17.69
N ASP A 138 44.77 8.66 -18.32
CA ASP A 138 43.43 8.15 -18.39
C ASP A 138 43.54 6.72 -18.91
N PHE A 139 42.66 5.82 -18.45
CA PHE A 139 42.76 4.43 -18.85
C PHE A 139 41.76 4.12 -19.95
N SER A 140 42.28 3.46 -21.00
CA SER A 140 41.65 3.30 -22.31
C SER A 140 40.18 3.00 -22.18
N LYS A 141 39.91 1.72 -21.88
CA LYS A 141 38.58 1.22 -21.67
C LYS A 141 38.75 0.52 -20.35
N PHE A 142 38.55 1.25 -19.26
CA PHE A 142 39.07 0.84 -17.96
C PHE A 142 38.36 -0.41 -17.48
N PHE A 143 37.07 -0.28 -17.17
CA PHE A 143 36.32 -1.41 -16.69
C PHE A 143 36.39 -2.56 -17.66
N PRO A 144 36.21 -2.35 -18.98
CA PRO A 144 36.33 -3.46 -19.90
C PRO A 144 37.75 -3.95 -20.11
N SER A 145 38.72 -3.47 -19.33
CA SER A 145 40.07 -4.00 -19.44
C SER A 145 40.64 -4.43 -18.10
N ILE A 146 39.83 -4.41 -17.04
CA ILE A 146 40.25 -4.81 -15.70
C ILE A 146 40.33 -6.34 -15.70
N ASP A 147 41.50 -6.84 -15.24
CA ASP A 147 41.92 -8.23 -15.39
C ASP A 147 40.90 -9.27 -14.94
N ARG A 148 40.09 -8.95 -13.92
CA ARG A 148 39.22 -9.93 -13.27
C ARG A 148 40.02 -11.17 -12.97
N ALA A 149 41.16 -10.98 -12.28
CA ALA A 149 42.11 -12.08 -12.16
C ALA A 149 43.40 -11.68 -11.45
N ALA A 150 43.90 -10.50 -11.81
CA ALA A 150 44.80 -9.73 -10.98
C ALA A 150 44.01 -8.72 -10.19
N LEU A 151 42.73 -8.57 -10.52
CA LEU A 151 41.81 -7.97 -9.58
C LEU A 151 41.68 -8.88 -8.35
N TYR A 152 41.34 -10.16 -8.56
CA TYR A 152 41.32 -11.18 -7.51
C TYR A 152 42.71 -11.63 -7.13
N ALA A 153 43.61 -10.70 -7.04
CA ALA A 153 44.80 -11.00 -6.32
C ALA A 153 44.99 -9.85 -5.35
N MET A 154 44.05 -8.92 -5.42
CA MET A 154 43.88 -7.76 -4.58
C MET A 154 42.61 -7.92 -3.75
N ILE A 155 41.58 -8.53 -4.32
CA ILE A 155 40.35 -8.83 -3.60
C ILE A 155 40.65 -10.03 -2.72
N ASP A 156 41.93 -10.39 -2.65
CA ASP A 156 42.30 -11.69 -2.15
C ASP A 156 43.54 -11.65 -1.25
N LYS A 157 44.18 -10.49 -1.17
CA LYS A 157 45.16 -10.16 -0.16
C LYS A 157 44.48 -9.41 0.95
N LYS A 158 43.15 -9.34 0.86
CA LYS A 158 42.40 -8.53 1.80
C LYS A 158 41.17 -9.28 2.29
N ILE A 159 40.67 -10.27 1.56
CA ILE A 159 39.43 -10.89 2.04
C ILE A 159 39.71 -12.14 2.83
N HIS A 160 40.62 -13.02 2.47
CA HIS A 160 41.09 -13.95 3.52
C HIS A 160 40.02 -14.83 4.17
N CYS A 161 38.73 -14.56 3.90
CA CYS A 161 37.56 -15.29 4.38
C CYS A 161 37.09 -16.14 3.24
N ALA A 162 37.26 -17.44 3.34
CA ALA A 162 37.16 -18.21 2.11
C ALA A 162 35.71 -18.63 1.93
N ALA A 163 34.89 -17.65 1.55
CA ALA A 163 33.44 -17.75 1.46
C ALA A 163 32.80 -16.42 1.15
N THR A 164 33.37 -15.37 1.73
CA THR A 164 33.27 -14.07 1.12
C THR A 164 33.99 -14.12 -0.21
N ARG A 165 35.19 -14.71 -0.19
CA ARG A 165 35.92 -14.90 -1.43
C ARG A 165 35.10 -15.62 -2.48
N ARG A 166 34.26 -16.58 -2.09
CA ARG A 166 33.53 -17.38 -3.07
C ARG A 166 32.22 -16.71 -3.49
N LEU A 167 31.73 -15.81 -2.64
CA LEU A 167 30.64 -14.90 -2.95
C LEU A 167 31.12 -13.77 -3.83
N LEU A 168 32.33 -13.27 -3.59
CA LEU A 168 32.90 -12.25 -4.46
C LEU A 168 33.03 -12.82 -5.85
N ARG A 169 33.41 -14.08 -5.92
CA ARG A 169 33.67 -14.77 -7.15
C ARG A 169 32.40 -15.26 -7.83
N VAL A 170 31.25 -15.25 -7.14
CA VAL A 170 29.98 -15.47 -7.81
C VAL A 170 29.50 -14.18 -8.43
N VAL A 171 29.53 -13.14 -7.60
CA VAL A 171 29.05 -11.83 -7.95
C VAL A 171 29.93 -11.24 -9.06
N LEU A 172 31.15 -11.76 -9.20
CA LEU A 172 32.12 -11.31 -10.20
C LEU A 172 33.09 -12.44 -10.46
N PRO A 173 32.94 -13.23 -11.54
CA PRO A 173 33.82 -14.35 -11.76
C PRO A 173 35.28 -13.92 -11.82
N ASP A 174 36.19 -14.86 -11.50
CA ASP A 174 37.64 -14.65 -11.38
C ASP A 174 38.38 -14.94 -12.69
N GLU A 175 37.71 -14.78 -13.82
CA GLU A 175 38.30 -15.18 -15.09
C GLU A 175 37.67 -14.31 -16.16
N GLY A 176 38.50 -13.77 -17.05
CA GLY A 176 38.02 -12.92 -18.09
C GLY A 176 38.82 -11.64 -18.08
N VAL A 177 38.25 -10.59 -18.63
CA VAL A 177 38.84 -9.27 -18.63
C VAL A 177 37.68 -8.34 -18.90
N GLY A 178 36.89 -8.12 -17.87
CA GLY A 178 35.83 -7.15 -17.99
C GLY A 178 35.04 -7.15 -16.70
N ILE A 179 35.33 -6.16 -15.88
CA ILE A 179 34.46 -5.86 -14.76
C ILE A 179 33.21 -5.17 -15.31
N PRO A 180 31.99 -5.66 -14.99
CA PRO A 180 30.76 -5.12 -15.57
C PRO A 180 30.46 -3.71 -15.08
N ILE A 181 30.14 -2.80 -15.98
CA ILE A 181 29.88 -1.45 -15.56
C ILE A 181 28.38 -1.31 -15.32
N GLY A 182 28.04 -0.82 -14.11
CA GLY A 182 26.69 -0.92 -13.59
C GLY A 182 26.57 -2.07 -12.59
N SER A 183 27.57 -2.16 -11.73
CA SER A 183 27.54 -2.99 -10.55
C SER A 183 28.15 -2.15 -9.45
N LEU A 184 27.49 -2.14 -8.30
CA LEU A 184 28.10 -1.60 -7.12
C LEU A 184 29.40 -2.33 -6.88
N THR A 185 29.35 -3.64 -7.03
CA THR A 185 30.52 -4.43 -6.76
C THR A 185 31.70 -3.94 -7.59
N SER A 186 31.40 -3.43 -8.79
CA SER A 186 32.38 -3.12 -9.81
C SER A 186 32.97 -1.74 -9.69
N GLN A 187 32.17 -0.74 -9.27
CA GLN A 187 32.73 0.55 -8.90
C GLN A 187 33.81 0.35 -7.86
N LEU A 188 33.46 -0.40 -6.82
CA LEU A 188 34.43 -0.74 -5.80
C LEU A 188 35.65 -1.40 -6.42
N PHE A 189 35.49 -2.49 -7.15
CA PHE A 189 36.68 -3.23 -7.54
C PHE A 189 37.51 -2.51 -8.60
N ALA A 190 36.94 -1.48 -9.21
CA ALA A 190 37.69 -0.69 -10.16
C ALA A 190 38.53 0.39 -9.46
N ASN A 191 37.96 1.02 -8.44
CA ASN A 191 38.76 1.86 -7.57
C ASN A 191 39.88 1.05 -6.95
N VAL A 192 39.56 -0.16 -6.53
CA VAL A 192 40.56 -0.97 -5.85
C VAL A 192 41.67 -1.27 -6.83
N TYR A 193 41.27 -1.61 -8.04
CA TYR A 193 42.21 -2.04 -9.06
C TYR A 193 43.11 -0.90 -9.47
N GLY A 194 42.49 0.21 -9.81
CA GLY A 194 43.19 1.44 -10.13
C GLY A 194 43.87 2.02 -8.91
N GLY A 195 43.52 1.50 -7.74
CA GLY A 195 44.30 1.72 -6.54
C GLY A 195 45.72 1.17 -6.64
N ALA A 196 45.93 0.18 -7.50
CA ALA A 196 47.26 -0.35 -7.70
C ALA A 196 48.17 0.68 -8.33
N VAL A 197 47.62 1.52 -9.21
CA VAL A 197 48.46 2.51 -9.86
C VAL A 197 48.71 3.68 -8.89
N ASP A 198 47.78 3.92 -7.96
CA ASP A 198 48.01 4.88 -6.91
C ASP A 198 49.15 4.47 -6.03
N ARG A 199 49.34 3.17 -5.90
CA ARG A 199 50.38 2.68 -5.05
C ARG A 199 51.59 2.34 -5.88
N LEU A 200 51.60 2.82 -7.12
CA LEU A 200 52.83 2.91 -7.87
C LEU A 200 53.19 4.35 -8.13
N LEU A 201 52.40 5.26 -7.57
CA LEU A 201 52.61 6.70 -7.71
C LEU A 201 53.11 7.22 -6.39
N HIS A 202 52.36 6.85 -5.38
CA HIS A 202 52.57 7.34 -4.05
C HIS A 202 53.61 6.48 -3.35
N ASP A 203 53.62 5.19 -3.64
CA ASP A 203 54.47 4.29 -2.90
C ASP A 203 55.80 4.20 -3.65
N GLU A 204 55.89 3.33 -4.67
CA GLU A 204 56.92 3.47 -5.67
C GLU A 204 56.74 4.84 -6.32
N LEU A 205 57.80 5.45 -6.85
CA LEU A 205 57.71 6.71 -7.59
C LEU A 205 57.60 7.97 -6.73
N LYS A 206 57.27 7.80 -5.44
CA LYS A 206 57.25 8.85 -4.42
C LYS A 206 56.61 10.15 -4.89
N GLN A 207 55.55 10.06 -5.69
CA GLN A 207 54.78 11.20 -6.14
C GLN A 207 53.79 11.59 -5.06
N ARG A 208 53.92 12.80 -4.50
CA ARG A 208 53.05 13.18 -3.39
C ARG A 208 51.91 14.12 -3.79
N HIS A 209 51.91 14.67 -5.01
CA HIS A 209 50.82 15.53 -5.45
C HIS A 209 50.20 14.90 -6.67
N TRP A 210 49.10 14.22 -6.41
CA TRP A 210 48.34 13.58 -7.47
C TRP A 210 46.90 13.54 -6.99
N ALA A 211 46.06 12.99 -7.85
CA ALA A 211 44.68 12.74 -7.57
C ALA A 211 44.34 11.70 -8.58
N ARG A 212 43.58 10.69 -8.20
CA ARG A 212 43.07 9.82 -9.21
C ARG A 212 41.58 9.83 -9.09
N TYR A 213 40.86 10.02 -10.15
CA TYR A 213 39.46 9.73 -10.02
C TYR A 213 39.07 8.63 -10.99
N MET A 214 38.74 7.46 -10.42
CA MET A 214 38.63 6.18 -11.10
C MET A 214 39.74 6.00 -12.13
N ASP A 215 39.51 6.30 -13.42
CA ASP A 215 40.53 6.03 -14.43
C ASP A 215 41.42 7.23 -14.77
N ASP A 216 41.06 8.46 -14.34
CA ASP A 216 41.82 9.66 -14.66
C ASP A 216 42.72 9.98 -13.49
N ILE A 217 43.97 10.31 -13.77
CA ILE A 217 45.03 10.47 -12.76
C ILE A 217 45.86 11.72 -13.05
N VAL A 218 45.61 12.83 -12.34
CA VAL A 218 46.41 14.05 -12.46
C VAL A 218 47.69 13.92 -11.64
N VAL A 219 48.85 14.40 -12.10
CA VAL A 219 50.04 14.22 -11.24
C VAL A 219 50.94 15.46 -11.20
N LEU A 220 50.53 16.53 -10.52
CA LEU A 220 51.27 17.78 -10.58
C LEU A 220 52.72 17.58 -10.25
N GLY A 221 53.56 18.24 -11.05
CA GLY A 221 55.00 18.23 -10.89
C GLY A 221 55.57 19.64 -10.72
N ASP A 222 56.69 19.86 -11.41
CA ASP A 222 57.60 20.98 -11.19
C ASP A 222 58.76 20.84 -12.19
N ASP A 223 59.12 19.58 -12.51
CA ASP A 223 59.98 19.23 -13.63
C ASP A 223 59.14 18.43 -14.63
N PRO A 224 58.83 18.99 -15.82
CA PRO A 224 58.03 18.27 -16.77
C PRO A 224 58.71 17.03 -17.35
N GLU A 225 60.03 16.90 -17.17
CA GLU A 225 60.68 15.69 -17.65
C GLU A 225 60.48 14.54 -16.65
N GLU A 226 60.39 14.87 -15.37
CA GLU A 226 60.09 13.90 -14.32
C GLU A 226 58.67 13.36 -14.49
N LEU A 227 57.71 14.26 -14.70
CA LEU A 227 56.34 13.84 -14.95
C LEU A 227 56.23 13.02 -16.23
N ARG A 228 57.14 13.21 -17.17
CA ARG A 228 57.05 12.33 -18.30
C ARG A 228 57.56 10.95 -17.91
N ALA A 229 58.61 10.94 -17.10
CA ALA A 229 59.10 9.69 -16.55
C ALA A 229 57.97 8.99 -15.82
N VAL A 230 57.44 9.65 -14.78
CA VAL A 230 56.34 9.13 -13.96
C VAL A 230 55.35 8.47 -14.89
N PHE A 231 54.97 9.19 -15.95
CA PHE A 231 53.96 8.66 -16.85
C PHE A 231 54.43 7.37 -17.51
N TYR A 232 55.63 7.38 -18.07
CA TYR A 232 56.16 6.16 -18.67
C TYR A 232 56.13 5.03 -17.64
N ARG A 233 56.51 5.34 -16.40
CA ARG A 233 56.58 4.31 -15.37
C ARG A 233 55.16 3.80 -15.05
N LEU A 234 54.19 4.70 -15.08
CA LEU A 234 52.78 4.40 -14.78
C LEU A 234 52.15 3.53 -15.84
N ARG A 235 52.50 3.84 -17.08
CA ARG A 235 51.93 3.17 -18.23
C ARG A 235 52.49 1.77 -18.30
N ASP A 236 53.82 1.68 -18.16
CA ASP A 236 54.49 0.39 -18.16
C ASP A 236 53.92 -0.49 -17.06
N PHE A 237 53.72 0.10 -15.87
CA PHE A 237 53.11 -0.64 -14.79
C PHE A 237 51.70 -1.08 -15.16
N ALA A 238 50.84 -0.12 -15.41
CA ALA A 238 49.44 -0.42 -15.62
C ALA A 238 49.21 -1.24 -16.89
N SER A 239 50.19 -1.35 -17.77
CA SER A 239 50.04 -2.22 -18.92
C SER A 239 50.49 -3.62 -18.58
N GLU A 240 51.68 -3.73 -17.98
CA GLU A 240 52.28 -5.04 -17.71
C GLU A 240 51.54 -5.73 -16.56
N ARG A 241 51.13 -4.96 -15.54
CA ARG A 241 50.53 -5.47 -14.31
C ARG A 241 48.99 -5.50 -14.38
N LEU A 242 48.37 -4.47 -14.94
CA LEU A 242 46.94 -4.34 -14.90
C LEU A 242 46.26 -4.46 -16.26
N GLY A 243 47.03 -4.54 -17.34
CA GLY A 243 46.44 -4.72 -18.66
C GLY A 243 45.60 -3.53 -19.08
N LEU A 244 45.97 -2.35 -18.57
CA LEU A 244 45.35 -1.07 -18.87
C LEU A 244 46.25 -0.33 -19.86
N LYS A 245 45.68 -0.02 -21.03
CA LYS A 245 46.32 0.86 -22.01
C LYS A 245 46.00 2.29 -21.58
N ILE A 246 46.97 3.19 -21.67
CA ILE A 246 46.69 4.60 -21.44
C ILE A 246 46.24 5.23 -22.76
N SER A 247 44.94 5.56 -22.83
CA SER A 247 44.27 6.22 -23.96
C SER A 247 44.93 7.58 -24.29
N HIS A 248 44.68 8.59 -23.45
CA HIS A 248 45.32 9.88 -23.59
C HIS A 248 46.25 10.12 -22.40
N TRP A 249 47.37 10.77 -22.67
CA TRP A 249 48.11 11.41 -21.62
C TRP A 249 48.63 12.76 -22.09
N GLN A 250 49.05 13.63 -21.16
CA GLN A 250 49.80 14.86 -21.45
C GLN A 250 50.64 15.26 -20.26
N VAL A 251 51.72 15.98 -20.52
CA VAL A 251 52.44 16.68 -19.49
C VAL A 251 52.45 18.15 -19.87
N ALA A 252 51.42 18.86 -19.40
CA ALA A 252 51.23 20.25 -19.70
C ALA A 252 51.81 21.11 -18.60
N PRO A 253 52.27 22.33 -18.91
CA PRO A 253 52.46 23.33 -17.86
C PRO A 253 51.08 23.71 -17.31
N VAL A 254 51.02 23.98 -15.99
CA VAL A 254 49.77 24.33 -15.33
C VAL A 254 49.39 25.71 -15.82
N SER A 255 48.49 25.77 -16.79
CA SER A 255 48.32 26.94 -17.63
C SER A 255 47.37 26.59 -18.76
N ARG A 256 47.54 25.38 -19.26
CA ARG A 256 46.54 24.79 -20.14
C ARG A 256 45.27 24.51 -19.35
N GLY A 257 45.42 24.31 -18.05
CA GLY A 257 44.31 23.91 -17.21
C GLY A 257 44.18 22.41 -17.21
N ILE A 258 43.85 21.88 -16.03
CA ILE A 258 43.81 20.46 -15.82
C ILE A 258 42.35 20.07 -16.00
N ASN A 259 42.01 19.45 -17.14
CA ASN A 259 40.63 19.15 -17.48
C ASN A 259 40.13 17.99 -16.65
N PHE A 260 40.08 18.19 -15.36
CA PHE A 260 39.97 17.09 -14.43
C PHE A 260 38.57 17.09 -13.87
N LEU A 261 37.80 16.07 -14.18
CA LEU A 261 36.57 15.78 -13.42
C LEU A 261 35.44 16.78 -13.70
N GLY A 262 35.44 17.37 -14.89
CA GLY A 262 34.34 18.26 -15.25
C GLY A 262 34.72 19.73 -15.18
N TYR A 263 35.85 20.03 -14.58
CA TYR A 263 36.29 21.39 -14.40
C TYR A 263 37.53 21.54 -15.24
N ARG A 264 38.07 22.74 -15.27
CA ARG A 264 39.35 23.00 -15.89
C ARG A 264 40.07 23.81 -14.83
N ILE A 265 41.02 23.20 -14.18
CA ILE A 265 41.38 23.66 -12.87
C ILE A 265 42.73 24.33 -12.99
N TRP A 266 42.72 25.64 -13.00
CA TRP A 266 43.97 26.35 -12.82
C TRP A 266 44.19 26.54 -11.34
N PRO A 267 45.37 27.00 -10.94
CA PRO A 267 45.58 27.30 -9.54
C PRO A 267 44.47 28.18 -8.99
N THR A 268 44.02 29.11 -9.82
CA THR A 268 43.32 30.32 -9.43
C THR A 268 41.82 30.31 -9.78
N HIS A 269 41.49 29.99 -11.02
CA HIS A 269 40.10 29.81 -11.38
C HIS A 269 39.86 28.33 -11.55
N LYS A 270 38.65 28.01 -12.00
CA LYS A 270 38.31 26.63 -12.21
C LYS A 270 37.12 26.65 -13.13
N LEU A 271 37.38 27.08 -14.37
CA LEU A 271 36.32 27.14 -15.35
C LEU A 271 35.72 25.75 -15.47
N LEU A 272 34.41 25.61 -15.70
CA LEU A 272 33.97 24.28 -16.04
C LEU A 272 34.25 24.00 -17.53
N ARG A 273 33.75 22.87 -18.00
CA ARG A 273 34.08 22.44 -19.33
C ARG A 273 33.05 22.94 -20.32
N LYS A 274 33.47 23.27 -21.53
CA LYS A 274 32.55 23.95 -22.41
C LYS A 274 31.35 23.06 -22.67
N SER A 275 31.57 21.77 -22.89
CA SER A 275 30.45 20.85 -23.03
C SER A 275 29.33 21.15 -22.03
N SER A 276 29.70 21.24 -20.74
CA SER A 276 28.78 21.44 -19.64
C SER A 276 27.95 22.70 -19.87
N VAL A 277 28.67 23.78 -20.18
CA VAL A 277 28.07 25.09 -20.43
C VAL A 277 27.06 24.95 -21.56
N LYS A 278 27.56 24.48 -22.71
CA LYS A 278 26.77 24.35 -23.93
C LYS A 278 25.56 23.47 -23.70
N ARG A 279 25.77 22.33 -23.05
CA ARG A 279 24.67 21.44 -22.67
C ARG A 279 23.65 22.21 -21.84
N ALA A 280 24.14 22.99 -20.87
CA ALA A 280 23.30 23.77 -19.95
C ALA A 280 22.63 24.94 -20.70
N LYS A 281 23.44 25.79 -21.33
CA LYS A 281 22.92 26.83 -22.21
C LYS A 281 21.77 26.27 -23.05
N ARG A 282 22.04 25.20 -23.81
CA ARG A 282 21.03 24.60 -24.67
C ARG A 282 19.85 24.09 -23.85
N LYS A 283 20.14 23.41 -22.72
CA LYS A 283 19.08 22.90 -21.85
C LYS A 283 18.14 24.03 -21.43
N VAL A 284 18.72 25.13 -20.95
CA VAL A 284 17.97 26.32 -20.56
C VAL A 284 17.13 26.85 -21.73
N ALA A 285 17.81 27.20 -22.82
CA ALA A 285 17.17 27.71 -24.04
C ALA A 285 15.99 26.82 -24.44
N ASN A 286 16.22 25.50 -24.53
CA ASN A 286 15.16 24.54 -24.82
C ASN A 286 14.00 24.70 -23.84
N PHE A 287 14.29 24.60 -22.53
CA PHE A 287 13.29 24.74 -21.47
C PHE A 287 12.44 26.00 -21.65
N ILE A 288 13.08 27.11 -22.03
CA ILE A 288 12.38 28.37 -22.26
C ILE A 288 11.36 28.20 -23.39
N LYS A 289 11.84 27.77 -24.56
CA LYS A 289 11.02 27.52 -25.76
C LYS A 289 10.47 26.09 -25.80
N HIS A 290 10.09 25.58 -24.61
CA HIS A 290 9.28 24.38 -24.41
C HIS A 290 8.13 24.66 -23.43
N GLY A 291 8.08 25.89 -22.90
CA GLY A 291 7.19 26.28 -21.82
C GLY A 291 7.41 25.50 -20.52
N GLU A 292 8.62 24.94 -20.35
CA GLU A 292 8.98 24.12 -19.20
C GLU A 292 9.91 24.91 -18.28
N ASP A 293 9.48 26.14 -17.92
CA ASP A 293 10.28 27.09 -17.16
C ASP A 293 10.10 26.94 -15.64
N GLU A 294 9.78 25.71 -15.19
CA GLU A 294 9.48 25.35 -13.81
C GLU A 294 10.25 24.10 -13.38
N SER A 295 10.48 23.18 -14.34
CA SER A 295 11.50 22.13 -14.27
C SER A 295 12.89 22.70 -14.56
N LEU A 296 12.91 23.85 -15.26
CA LEU A 296 14.15 24.60 -15.47
C LEU A 296 14.70 25.14 -14.14
N GLN A 297 13.82 25.50 -13.21
CA GLN A 297 14.27 25.92 -11.88
C GLN A 297 14.94 24.76 -11.13
N ARG A 298 14.39 23.54 -11.27
CA ARG A 298 15.01 22.33 -10.76
C ARG A 298 16.38 22.10 -11.42
N PHE A 299 16.40 22.03 -12.77
CA PHE A 299 17.65 21.93 -13.52
C PHE A 299 18.61 23.03 -13.10
N LEU A 300 18.11 24.26 -13.05
CA LEU A 300 18.98 25.39 -12.76
C LEU A 300 19.63 25.21 -11.39
N ALA A 301 18.82 24.87 -10.39
CA ALA A 301 19.30 24.57 -9.04
C ALA A 301 20.38 23.49 -9.06
N SER A 302 20.14 22.42 -9.85
CA SER A 302 21.11 21.36 -10.05
C SER A 302 22.43 21.92 -10.59
N TRP A 303 22.37 22.54 -11.78
CA TRP A 303 23.56 23.06 -12.46
C TRP A 303 24.22 24.17 -11.68
N SER A 304 23.46 24.83 -10.78
CA SER A 304 23.99 25.85 -9.89
C SER A 304 24.83 25.23 -8.76
N GLY A 305 24.64 23.93 -8.53
CA GLY A 305 25.48 23.13 -7.65
C GLY A 305 26.74 22.63 -8.35
N HIS A 306 26.60 22.09 -9.57
CA HIS A 306 27.75 21.66 -10.36
C HIS A 306 28.68 22.84 -10.69
N ALA A 307 28.18 24.07 -10.58
CA ALA A 307 28.91 25.24 -11.01
C ALA A 307 29.23 26.21 -9.88
N GLN A 308 28.70 25.95 -8.68
CA GLN A 308 29.05 26.77 -7.52
C GLN A 308 30.54 26.63 -7.21
N TRP A 309 31.11 25.46 -7.54
CA TRP A 309 32.53 25.20 -7.41
C TRP A 309 33.32 26.02 -8.42
N ALA A 310 32.96 25.82 -9.69
CA ALA A 310 33.55 26.49 -10.84
C ALA A 310 33.42 28.00 -10.71
N ASP A 311 34.29 28.73 -11.38
CA ASP A 311 34.24 30.18 -11.34
C ASP A 311 33.18 30.70 -12.31
N THR A 312 31.93 30.41 -11.98
CA THR A 312 30.84 30.66 -12.91
C THR A 312 30.01 31.84 -12.42
N HIS A 313 30.69 32.88 -11.91
CA HIS A 313 29.99 34.12 -11.64
C HIS A 313 29.61 34.80 -12.95
N ASN A 314 30.62 35.14 -13.78
CA ASN A 314 30.34 35.82 -15.03
C ASN A 314 29.27 35.05 -15.79
N LEU A 315 29.39 33.71 -15.82
CA LEU A 315 28.51 32.89 -16.65
C LEU A 315 27.12 32.87 -16.05
N PHE A 316 27.03 32.95 -14.73
CA PHE A 316 25.72 33.00 -14.11
C PHE A 316 25.06 34.35 -14.34
N THR A 317 25.82 35.45 -14.23
CA THR A 317 25.32 36.75 -14.64
C THR A 317 24.82 36.66 -16.09
N TRP A 318 25.69 36.18 -16.98
CA TRP A 318 25.37 36.05 -18.40
C TRP A 318 24.07 35.26 -18.62
N MET A 319 23.85 34.14 -17.92
CA MET A 319 22.64 33.35 -18.16
C MET A 319 21.39 34.05 -17.59
N GLU A 320 21.57 34.81 -16.50
CA GLU A 320 20.52 35.66 -15.93
C GLU A 320 20.16 36.82 -16.86
N GLU A 321 21.15 37.35 -17.58
CA GLU A 321 20.89 38.42 -18.55
C GLU A 321 20.19 37.90 -19.81
N GLN A 322 20.46 36.64 -20.18
CA GLN A 322 19.92 36.09 -21.42
C GLN A 322 18.47 35.61 -21.27
N TYR A 323 18.12 35.09 -20.08
CA TYR A 323 16.81 34.49 -19.86
C TYR A 323 16.08 34.99 -18.60
N GLY A 324 16.81 35.61 -17.65
CA GLY A 324 16.24 36.26 -16.48
C GLY A 324 16.22 35.37 -15.23
N ILE A 325 16.14 34.05 -15.46
CA ILE A 325 15.96 33.02 -14.44
C ILE A 325 17.02 33.13 -13.34
N ALA A 326 16.55 32.94 -12.09
CA ALA A 326 17.38 32.95 -10.89
C ALA A 326 18.35 31.77 -10.87
N CYS A 327 19.58 31.98 -11.37
CA CYS A 327 20.61 30.96 -11.39
C CYS A 327 21.05 30.60 -9.96
N HIS A 328 21.63 31.59 -9.25
CA HIS A 328 22.11 31.46 -7.88
C HIS A 328 21.19 32.25 -6.94
N MET B 1 17.33 -17.60 -5.99
CA MET B 1 16.37 -17.37 -4.88
C MET B 1 15.01 -17.09 -5.52
N GLU B 2 14.99 -16.10 -6.44
CA GLU B 2 13.79 -15.67 -7.18
C GLU B 2 12.70 -15.23 -6.21
N PRO B 3 12.52 -13.91 -5.98
CA PRO B 3 11.62 -13.43 -4.95
C PRO B 3 10.26 -14.13 -4.98
N ILE B 4 9.82 -14.58 -3.80
CA ILE B 4 8.46 -15.06 -3.58
C ILE B 4 7.51 -14.29 -4.49
N GLU B 5 6.97 -15.03 -5.48
CA GLU B 5 6.05 -14.49 -6.46
C GLU B 5 4.66 -14.50 -5.84
N GLU B 6 3.93 -13.39 -5.98
CA GLU B 6 2.49 -13.37 -5.91
C GLU B 6 2.00 -13.83 -7.28
N ALA B 7 0.78 -14.40 -7.37
CA ALA B 7 0.14 -14.59 -8.66
C ALA B 7 -0.36 -13.23 -9.17
N THR B 8 -0.84 -13.18 -10.42
CA THR B 8 -1.35 -11.96 -11.06
C THR B 8 -0.53 -10.73 -10.66
N LYS B 9 0.74 -10.72 -11.05
CA LYS B 9 1.62 -9.57 -10.82
C LYS B 9 1.19 -8.45 -11.77
N CYS B 10 0.79 -7.31 -11.20
CA CYS B 10 0.45 -6.10 -11.94
C CYS B 10 1.36 -4.98 -11.47
N TYR B 11 2.20 -4.44 -12.39
CA TYR B 11 3.11 -3.37 -12.06
C TYR B 11 2.36 -2.20 -11.47
N ASP B 12 1.31 -1.80 -12.18
CA ASP B 12 0.51 -0.63 -11.83
C ASP B 12 -0.05 -0.77 -10.43
N GLN B 13 -0.63 -1.93 -10.08
CA GLN B 13 -1.14 -2.09 -8.72
C GLN B 13 0.00 -1.99 -7.70
N MET B 14 1.17 -2.58 -8.01
CA MET B 14 2.27 -2.57 -7.07
C MET B 14 2.79 -1.15 -6.84
N LEU B 15 2.96 -0.42 -7.95
CA LEU B 15 3.44 0.94 -7.90
C LEU B 15 2.45 1.83 -7.18
N ILE B 16 1.18 1.75 -7.59
CA ILE B 16 0.13 2.61 -7.02
C ILE B 16 0.09 2.42 -5.52
N VAL B 17 0.16 1.16 -5.09
CA VAL B 17 0.05 0.84 -3.67
C VAL B 17 1.27 1.38 -2.92
N GLU B 18 2.47 1.27 -3.51
CA GLU B 18 3.65 1.80 -2.82
C GLU B 18 3.58 3.32 -2.68
N ARG B 19 2.94 3.96 -3.66
CA ARG B 19 2.79 5.40 -3.62
C ARG B 19 1.65 5.81 -2.71
N TYR B 20 0.60 4.97 -2.67
CA TYR B 20 -0.52 5.21 -1.77
C TYR B 20 -0.14 4.92 -0.35
N GLU B 21 0.80 3.98 -0.15
CA GLU B 21 1.32 3.74 1.18
C GLU B 21 1.88 5.02 1.77
N ARG B 22 2.40 5.92 0.92
CA ARG B 22 2.93 7.20 1.38
C ARG B 22 1.79 8.13 1.79
N VAL B 23 0.65 8.07 1.10
CA VAL B 23 -0.53 8.80 1.52
C VAL B 23 -0.92 8.32 2.92
N ILE B 24 -1.08 7.01 3.06
CA ILE B 24 -1.43 6.43 4.35
C ILE B 24 -0.41 6.84 5.39
N SER B 25 0.88 6.72 5.07
CA SER B 25 1.93 7.02 6.03
C SER B 25 1.89 8.49 6.43
N TYR B 26 1.32 9.34 5.58
CA TYR B 26 1.17 10.75 5.91
C TYR B 26 -0.10 10.99 6.69
N LEU B 27 -1.19 10.40 6.19
CA LEU B 27 -2.53 10.68 6.68
C LEU B 27 -2.86 9.87 7.93
N TYR B 28 -2.35 8.65 8.07
CA TYR B 28 -2.75 7.82 9.18
C TYR B 28 -2.40 8.49 10.47
N PRO B 29 -1.17 8.99 10.64
CA PRO B 29 -0.84 9.77 11.83
C PRO B 29 -1.80 10.91 12.10
N ILE B 30 -2.28 11.61 11.06
CA ILE B 30 -3.11 12.76 11.35
C ILE B 30 -4.57 12.35 11.43
N ALA B 31 -4.90 11.12 11.04
CA ALA B 31 -6.23 10.54 11.24
C ALA B 31 -6.39 10.05 12.66
N GLN B 32 -5.27 9.73 13.28
CA GLN B 32 -5.21 9.25 14.64
C GLN B 32 -5.09 10.39 15.63
N SER B 33 -4.79 11.58 15.11
CA SER B 33 -4.71 12.79 15.92
C SER B 33 -6.08 13.46 16.06
N ILE B 34 -7.02 13.15 15.15
CA ILE B 34 -8.40 13.62 15.22
C ILE B 34 -8.93 13.26 16.60
N PRO B 35 -9.49 14.21 17.39
CA PRO B 35 -9.90 13.94 18.77
C PRO B 35 -10.88 12.79 18.97
N ARG B 36 -11.13 12.44 20.24
CA ARG B 36 -12.09 11.41 20.56
C ARG B 36 -13.43 11.69 19.90
N LYS B 37 -14.03 12.83 20.23
CA LYS B 37 -15.18 13.27 19.47
C LYS B 37 -14.62 13.50 18.09
N HIS B 38 -15.39 13.17 17.08
CA HIS B 38 -14.89 13.11 15.71
C HIS B 38 -14.23 11.77 15.61
N GLY B 39 -14.77 10.84 16.38
CA GLY B 39 -14.31 9.47 16.34
C GLY B 39 -14.97 8.71 15.21
N VAL B 40 -16.26 8.94 15.01
CA VAL B 40 -16.95 8.33 13.88
C VAL B 40 -16.39 8.88 12.56
N ALA B 41 -16.17 10.19 12.48
CA ALA B 41 -15.54 10.76 11.30
C ALA B 41 -14.18 10.10 11.07
N ARG B 42 -13.40 10.00 12.14
CA ARG B 42 -12.10 9.35 12.06
C ARG B 42 -12.24 7.91 11.57
N GLU B 43 -13.07 7.09 12.21
CA GLU B 43 -13.17 5.69 11.81
C GLU B 43 -13.53 5.58 10.35
N MET B 44 -14.40 6.48 9.88
CA MET B 44 -14.85 6.48 8.49
C MET B 44 -13.73 6.95 7.57
N PHE B 45 -12.96 7.93 8.06
CA PHE B 45 -11.80 8.39 7.33
C PHE B 45 -10.75 7.30 7.25
N LEU B 46 -10.47 6.65 8.37
CA LEU B 46 -9.50 5.56 8.38
C LEU B 46 -9.94 4.41 7.51
N LYS B 47 -11.25 4.12 7.49
CA LYS B 47 -11.72 3.05 6.63
C LYS B 47 -11.60 3.46 5.18
N CYS B 48 -11.62 4.77 4.90
CA CYS B 48 -11.44 5.26 3.54
C CYS B 48 -9.97 5.20 3.13
N LEU B 49 -9.13 5.58 4.08
CA LEU B 49 -7.70 5.74 3.87
C LEU B 49 -7.05 4.38 3.77
N LEU B 50 -7.12 3.59 4.85
CA LEU B 50 -6.56 2.24 4.87
C LEU B 50 -7.30 1.26 3.98
N GLY B 51 -8.48 1.61 3.47
CA GLY B 51 -9.27 0.63 2.79
C GLY B 51 -9.22 0.83 1.29
N GLN B 52 -8.54 1.90 0.90
CA GLN B 52 -8.29 2.18 -0.49
C GLN B 52 -7.24 1.23 -1.02
N VAL B 53 -6.38 0.74 -0.12
CA VAL B 53 -5.34 -0.21 -0.50
C VAL B 53 -5.99 -1.47 -1.05
N GLU B 54 -7.08 -1.91 -0.40
CA GLU B 54 -7.80 -3.06 -0.88
C GLU B 54 -8.42 -2.76 -2.25
N LEU B 55 -8.90 -1.53 -2.45
CA LEU B 55 -9.49 -1.15 -3.73
C LEU B 55 -8.47 -1.26 -4.85
N PHE B 56 -7.26 -0.76 -4.60
CA PHE B 56 -6.19 -0.86 -5.56
C PHE B 56 -5.84 -2.33 -5.78
N ILE B 57 -5.67 -3.05 -4.68
CA ILE B 57 -5.20 -4.41 -4.75
C ILE B 57 -6.17 -5.28 -5.54
N VAL B 58 -7.47 -5.16 -5.26
CA VAL B 58 -8.45 -5.97 -5.96
C VAL B 58 -8.50 -5.57 -7.44
N ALA B 59 -8.28 -4.28 -7.72
CA ALA B 59 -8.18 -3.79 -9.09
C ALA B 59 -7.04 -4.46 -9.83
N GLY B 60 -5.94 -4.64 -9.12
CA GLY B 60 -4.75 -5.23 -9.70
C GLY B 60 -5.00 -6.68 -10.10
N LYS B 61 -5.64 -7.45 -9.22
CA LYS B 61 -5.62 -8.89 -9.41
C LYS B 61 -6.78 -9.31 -10.30
N SER B 62 -7.93 -8.66 -10.14
CA SER B 62 -9.07 -8.94 -11.01
C SER B 62 -9.06 -7.85 -12.06
N ASN B 63 -8.41 -8.09 -13.20
CA ASN B 63 -8.32 -7.09 -14.25
C ASN B 63 -9.69 -6.84 -14.86
N GLN B 64 -10.36 -5.85 -14.26
CA GLN B 64 -11.65 -5.36 -14.72
C GLN B 64 -11.61 -3.86 -14.45
N VAL B 65 -11.99 -3.07 -15.46
CA VAL B 65 -11.85 -1.63 -15.36
C VAL B 65 -12.82 -1.08 -14.34
N SER B 66 -13.88 -1.84 -14.04
CA SER B 66 -14.84 -1.43 -13.04
C SER B 66 -14.14 -1.23 -11.70
N LYS B 67 -13.23 -2.16 -11.40
CA LYS B 67 -12.54 -2.12 -10.12
C LYS B 67 -11.54 -0.98 -10.10
N LEU B 68 -11.02 -0.60 -11.27
CA LEU B 68 -10.12 0.54 -11.37
C LEU B 68 -10.85 1.87 -11.17
N TYR B 69 -12.11 1.92 -11.59
CA TYR B 69 -12.89 3.13 -11.42
C TYR B 69 -13.35 3.26 -9.96
N ALA B 70 -13.55 2.10 -9.32
CA ALA B 70 -13.88 2.04 -7.91
C ALA B 70 -12.74 2.57 -7.07
N ALA B 71 -11.51 2.25 -7.53
CA ALA B 71 -10.31 2.78 -6.90
C ALA B 71 -10.27 4.29 -7.03
N ASP B 72 -10.70 4.81 -8.21
CA ASP B 72 -10.71 6.24 -8.46
C ASP B 72 -11.73 6.94 -7.56
N ALA B 73 -12.93 6.34 -7.48
CA ALA B 73 -13.96 6.83 -6.58
C ALA B 73 -13.43 6.93 -5.15
N GLY B 74 -12.64 5.93 -4.76
CA GLY B 74 -12.15 5.92 -3.40
C GLY B 74 -11.16 7.05 -3.17
N LEU B 75 -10.31 7.31 -4.16
CA LEU B 75 -9.35 8.40 -4.10
C LEU B 75 -10.08 9.73 -4.04
N ALA B 76 -11.21 9.81 -4.74
CA ALA B 76 -12.07 10.98 -4.78
C ALA B 76 -12.68 11.22 -3.40
N MET B 77 -13.13 10.13 -2.80
CA MET B 77 -13.70 10.20 -1.46
C MET B 77 -12.61 10.59 -0.46
N LEU B 78 -11.39 10.11 -0.68
CA LEU B 78 -10.30 10.46 0.21
C LEU B 78 -10.01 11.95 0.11
N ARG B 79 -10.11 12.49 -1.11
CA ARG B 79 -9.97 13.92 -1.31
C ARG B 79 -11.08 14.67 -0.58
N PHE B 80 -12.31 14.11 -0.62
CA PHE B 80 -13.39 14.69 0.16
C PHE B 80 -13.00 14.71 1.65
N TRP B 81 -12.49 13.58 2.14
CA TRP B 81 -12.16 13.50 3.54
C TRP B 81 -11.16 14.59 3.90
N LEU B 82 -10.22 14.90 3.01
CA LEU B 82 -9.27 15.98 3.34
C LEU B 82 -10.02 17.30 3.51
N ARG B 83 -10.86 17.65 2.52
CA ARG B 83 -11.72 18.83 2.61
C ARG B 83 -12.51 18.85 3.92
N PHE B 84 -13.12 17.71 4.26
CA PHE B 84 -13.95 17.61 5.45
C PHE B 84 -13.09 17.79 6.69
N LEU B 85 -12.02 17.03 6.78
CA LEU B 85 -11.19 17.05 7.97
C LEU B 85 -10.60 18.45 8.18
N ALA B 86 -10.33 19.18 7.08
CA ALA B 86 -9.84 20.53 7.20
C ALA B 86 -10.96 21.48 7.63
N GLY B 87 -12.00 21.58 6.80
CA GLY B 87 -13.04 22.58 6.98
C GLY B 87 -14.02 22.22 8.08
N ILE B 88 -14.71 21.09 7.92
CA ILE B 88 -15.92 20.85 8.69
C ILE B 88 -15.57 20.37 10.11
N GLN B 89 -14.48 19.63 10.27
CA GLN B 89 -14.02 19.28 11.62
C GLN B 89 -13.60 20.55 12.36
N LYS B 90 -14.15 20.75 13.56
CA LYS B 90 -14.04 22.05 14.20
C LYS B 90 -12.76 22.30 14.99
N PRO B 91 -12.27 21.40 15.90
CA PRO B 91 -10.99 21.64 16.56
C PRO B 91 -9.88 21.99 15.57
N HIS B 92 -9.54 21.04 14.70
CA HIS B 92 -8.63 21.32 13.60
C HIS B 92 -8.56 20.13 12.64
N ALA B 93 -8.21 18.97 13.20
CA ALA B 93 -7.89 17.77 12.43
C ALA B 93 -6.69 18.01 11.52
N MET B 94 -6.89 18.68 10.38
CA MET B 94 -5.81 18.82 9.41
C MET B 94 -5.46 20.28 9.13
N THR B 95 -4.22 20.66 9.45
CA THR B 95 -3.71 22.01 9.18
C THR B 95 -3.71 22.24 7.68
N PRO B 96 -3.87 23.50 7.22
CA PRO B 96 -3.93 23.76 5.79
C PRO B 96 -2.73 23.18 5.03
N HIS B 97 -1.55 23.29 5.65
CA HIS B 97 -0.34 22.71 5.10
C HIS B 97 -0.51 21.21 4.86
N GLN B 98 -1.05 20.52 5.86
CA GLN B 98 -1.25 19.08 5.76
C GLN B 98 -2.16 18.71 4.60
N VAL B 99 -3.19 19.52 4.34
CA VAL B 99 -4.05 19.24 3.21
C VAL B 99 -3.28 19.42 1.92
N GLU B 100 -2.44 20.45 1.88
CA GLU B 100 -1.61 20.75 0.71
C GLU B 100 -0.62 19.60 0.46
N THR B 101 -0.01 19.06 1.52
CA THR B 101 0.93 17.94 1.41
C THR B 101 0.21 16.65 0.98
N ALA B 102 -0.91 16.38 1.65
CA ALA B 102 -1.70 15.18 1.40
C ALA B 102 -2.22 15.16 -0.03
N GLN B 103 -2.72 16.33 -0.47
CA GLN B 103 -3.30 16.44 -1.81
C GLN B 103 -2.25 16.16 -2.87
N VAL B 104 -0.98 16.53 -2.60
CA VAL B 104 0.12 16.25 -3.50
C VAL B 104 0.33 14.74 -3.65
N LEU B 105 0.36 14.05 -2.49
CA LEU B 105 0.54 12.61 -2.45
C LEU B 105 -0.61 11.89 -3.11
N ILE B 106 -1.83 12.33 -2.81
CA ILE B 106 -3.01 11.71 -3.38
C ILE B 106 -3.02 11.96 -4.88
N ALA B 107 -2.55 13.15 -5.28
CA ALA B 107 -2.45 13.50 -6.68
C ALA B 107 -1.49 12.56 -7.41
N GLU B 108 -0.38 12.20 -6.74
CA GLU B 108 0.58 11.27 -7.35
C GLU B 108 -0.08 9.92 -7.59
N VAL B 109 -0.82 9.43 -6.61
CA VAL B 109 -1.58 8.19 -6.75
C VAL B 109 -2.67 8.39 -7.78
N GLY B 110 -3.21 9.60 -7.84
CA GLY B 110 -4.21 9.93 -8.85
C GLY B 110 -3.64 9.74 -10.26
N ARG B 111 -2.45 10.32 -10.49
CA ARG B 111 -1.74 10.21 -11.76
C ARG B 111 -1.62 8.76 -12.18
N ILE B 112 -1.13 7.94 -11.26
CA ILE B 112 -0.78 6.57 -11.53
C ILE B 112 -2.04 5.77 -11.82
N LEU B 113 -3.10 6.08 -11.07
CA LEU B 113 -4.38 5.44 -11.30
C LEU B 113 -4.90 5.81 -12.68
N GLY B 114 -4.79 7.10 -13.01
CA GLY B 114 -5.20 7.58 -14.32
C GLY B 114 -4.48 6.85 -15.45
N SER B 115 -3.15 6.78 -15.36
CA SER B 115 -2.32 6.10 -16.36
C SER B 115 -2.72 4.64 -16.49
N TRP B 116 -2.98 4.01 -15.33
CA TRP B 116 -3.38 2.62 -15.26
C TRP B 116 -4.76 2.42 -15.87
N ILE B 117 -5.70 3.32 -15.55
CA ILE B 117 -7.03 3.26 -16.15
C ILE B 117 -6.90 3.33 -17.67
N ALA B 118 -6.02 4.25 -18.13
CA ALA B 118 -5.81 4.49 -19.55
C ALA B 118 -5.20 3.28 -20.23
N ARG B 119 -4.13 2.71 -19.65
CA ARG B 119 -3.47 1.58 -20.30
C ARG B 119 -4.42 0.39 -20.40
N VAL B 120 -5.32 0.23 -19.42
CA VAL B 120 -6.31 -0.84 -19.47
C VAL B 120 -7.39 -0.48 -20.48
N ASN B 121 -7.74 0.80 -20.54
CA ASN B 121 -8.82 1.22 -21.41
C ASN B 121 -8.47 0.96 -22.88
N ARG B 122 -7.20 1.10 -23.26
CA ARG B 122 -6.76 0.70 -24.60
C ARG B 122 -6.83 -0.84 -24.74
N TYR C 11 -8.47 -31.65 -1.45
CA TYR C 11 -7.25 -30.91 -1.84
C TYR C 11 -7.61 -29.47 -2.18
N ASP C 12 -6.64 -28.74 -2.74
CA ASP C 12 -6.79 -27.37 -3.25
C ASP C 12 -7.39 -26.47 -2.19
N GLN C 13 -8.72 -26.31 -2.16
CA GLN C 13 -9.34 -25.42 -1.18
C GLN C 13 -9.07 -25.93 0.24
N MET C 14 -9.17 -27.25 0.45
CA MET C 14 -8.96 -27.80 1.79
C MET C 14 -7.52 -27.58 2.25
N LEU C 15 -6.58 -27.89 1.36
CA LEU C 15 -5.16 -27.70 1.63
C LEU C 15 -4.84 -26.22 1.89
N ILE C 16 -5.29 -25.35 0.98
CA ILE C 16 -4.99 -23.92 1.08
C ILE C 16 -5.47 -23.40 2.44
N VAL C 17 -6.69 -23.79 2.81
CA VAL C 17 -7.29 -23.31 4.03
C VAL C 17 -6.52 -23.83 5.24
N GLU C 18 -6.10 -25.09 5.21
CA GLU C 18 -5.33 -25.62 6.34
C GLU C 18 -3.98 -24.93 6.48
N ARG C 19 -3.41 -24.48 5.35
CA ARG C 19 -2.15 -23.76 5.36
C ARG C 19 -2.37 -22.31 5.79
N TYR C 20 -3.51 -21.75 5.36
CA TYR C 20 -3.91 -20.41 5.74
C TYR C 20 -4.32 -20.36 7.21
N GLU C 21 -4.90 -21.45 7.71
CA GLU C 21 -5.19 -21.52 9.13
C GLU C 21 -3.96 -21.24 9.96
N ARG C 22 -2.77 -21.59 9.43
CA ARG C 22 -1.53 -21.34 10.15
C ARG C 22 -1.21 -19.85 10.17
N VAL C 23 -1.53 -19.16 9.07
CA VAL C 23 -1.42 -17.70 9.01
C VAL C 23 -2.31 -17.11 10.09
N ILE C 24 -3.60 -17.49 10.05
CA ILE C 24 -4.56 -17.01 11.03
C ILE C 24 -4.07 -17.32 12.43
N SER C 25 -3.60 -18.54 12.65
CA SER C 25 -3.19 -18.96 13.98
C SER C 25 -1.99 -18.16 14.45
N TYR C 26 -1.20 -17.64 13.51
CA TYR C 26 -0.05 -16.80 13.87
C TYR C 26 -0.49 -15.37 14.05
N LEU C 27 -1.30 -14.89 13.09
CA LEU C 27 -1.64 -13.48 12.98
C LEU C 27 -2.79 -13.10 13.90
N TYR C 28 -3.74 -14.00 14.14
CA TYR C 28 -4.89 -13.64 14.97
C TYR C 28 -4.40 -13.17 16.32
N PRO C 29 -3.53 -13.91 17.01
CA PRO C 29 -2.95 -13.40 18.25
C PRO C 29 -2.35 -12.01 18.14
N ILE C 30 -1.66 -11.73 17.04
CA ILE C 30 -0.97 -10.46 16.78
C ILE C 30 -1.98 -9.34 16.57
N ALA C 31 -3.06 -9.72 15.90
CA ALA C 31 -4.10 -8.80 15.46
C ALA C 31 -5.07 -8.50 16.55
N GLN C 32 -5.05 -9.32 17.59
CA GLN C 32 -5.86 -9.10 18.78
C GLN C 32 -5.07 -8.29 19.79
N SER C 33 -3.77 -8.18 19.57
CA SER C 33 -2.89 -7.42 20.44
C SER C 33 -2.84 -5.94 20.04
N ILE C 34 -3.21 -5.62 18.79
CA ILE C 34 -3.12 -4.25 18.29
C ILE C 34 -3.97 -3.37 19.19
N PRO C 35 -3.39 -2.26 19.75
CA PRO C 35 -4.10 -1.45 20.73
C PRO C 35 -5.36 -0.80 20.19
N ARG C 36 -6.24 -0.39 21.12
CA ARG C 36 -7.47 0.24 20.68
C ARG C 36 -7.17 1.49 19.84
N LYS C 37 -6.07 2.19 20.14
CA LYS C 37 -5.71 3.36 19.35
C LYS C 37 -5.74 2.98 17.87
N HIS C 38 -5.10 1.86 17.51
CA HIS C 38 -5.09 1.40 16.14
C HIS C 38 -6.21 0.40 15.91
N GLY C 39 -7.41 0.81 16.29
CA GLY C 39 -8.53 -0.09 16.43
C GLY C 39 -9.20 -0.34 15.10
N VAL C 40 -9.33 0.71 14.29
CA VAL C 40 -9.87 0.56 12.96
C VAL C 40 -8.92 -0.28 12.12
N ALA C 41 -7.62 -0.01 12.20
CA ALA C 41 -6.66 -0.84 11.48
C ALA C 41 -6.79 -2.29 11.92
N ARG C 42 -6.88 -2.51 13.23
CA ARG C 42 -7.05 -3.85 13.75
C ARG C 42 -8.32 -4.50 13.19
N GLU C 43 -9.47 -3.86 13.34
CA GLU C 43 -10.70 -4.50 12.91
C GLU C 43 -10.61 -4.84 11.44
N MET C 44 -9.98 -3.97 10.66
CA MET C 44 -9.85 -4.16 9.23
C MET C 44 -8.82 -5.23 8.91
N PHE C 45 -7.79 -5.31 9.73
CA PHE C 45 -6.82 -6.38 9.59
C PHE C 45 -7.44 -7.72 9.96
N LEU C 46 -8.18 -7.78 11.05
CA LEU C 46 -8.88 -9.01 11.41
C LEU C 46 -9.89 -9.40 10.33
N LYS C 47 -10.59 -8.43 9.76
CA LYS C 47 -11.55 -8.74 8.70
C LYS C 47 -10.81 -9.22 7.47
N CYS C 48 -9.55 -8.82 7.32
CA CYS C 48 -8.74 -9.24 6.18
C CYS C 48 -8.24 -10.64 6.39
N LEU C 49 -7.82 -10.90 7.63
CA LEU C 49 -7.18 -12.14 8.01
C LEU C 49 -8.21 -13.25 8.06
N LEU C 50 -9.19 -13.12 8.95
CA LEU C 50 -10.27 -14.10 9.06
C LEU C 50 -11.23 -14.06 7.89
N GLY C 51 -11.10 -13.13 6.97
CA GLY C 51 -12.09 -13.04 5.91
C GLY C 51 -11.54 -13.53 4.60
N GLN C 52 -10.26 -13.88 4.64
CA GLN C 52 -9.61 -14.48 3.49
C GLN C 52 -10.05 -15.92 3.37
N VAL C 53 -10.48 -16.51 4.50
CA VAL C 53 -11.01 -17.86 4.50
C VAL C 53 -12.23 -17.91 3.61
N GLU C 54 -13.07 -16.90 3.68
CA GLU C 54 -14.23 -16.82 2.79
C GLU C 54 -13.79 -16.70 1.33
N LEU C 55 -12.71 -15.97 1.08
CA LEU C 55 -12.20 -15.83 -0.30
C LEU C 55 -11.75 -17.18 -0.85
N PHE C 56 -11.05 -17.95 -0.02
CA PHE C 56 -10.65 -19.29 -0.40
C PHE C 56 -11.87 -20.17 -0.59
N ILE C 57 -12.80 -20.09 0.36
CA ILE C 57 -13.98 -20.94 0.35
C ILE C 57 -14.77 -20.71 -0.93
N VAL C 58 -14.99 -19.44 -1.31
CA VAL C 58 -15.73 -19.12 -2.52
C VAL C 58 -14.98 -19.63 -3.76
N ALA C 59 -13.65 -19.59 -3.69
CA ALA C 59 -12.79 -20.00 -4.79
C ALA C 59 -12.97 -21.47 -5.11
N GLY C 60 -13.09 -22.29 -4.08
CA GLY C 60 -13.20 -23.73 -4.29
C GLY C 60 -14.65 -24.17 -4.35
N LYS C 61 -15.54 -23.25 -4.69
CA LYS C 61 -16.95 -23.56 -4.77
C LYS C 61 -17.42 -23.14 -6.16
N SER C 62 -16.46 -22.70 -6.96
CA SER C 62 -16.71 -22.21 -8.29
C SER C 62 -15.62 -22.66 -9.26
N ASN C 63 -14.36 -22.53 -8.84
CA ASN C 63 -13.22 -22.64 -9.74
C ASN C 63 -13.17 -21.53 -10.79
N GLN C 64 -14.09 -20.58 -10.74
CA GLN C 64 -13.90 -19.33 -11.48
C GLN C 64 -12.50 -18.84 -11.11
N VAL C 65 -11.63 -18.69 -12.10
CA VAL C 65 -10.24 -18.41 -11.79
C VAL C 65 -10.08 -17.00 -11.23
N SER C 66 -11.07 -16.16 -11.49
CA SER C 66 -11.14 -14.84 -10.90
C SER C 66 -11.33 -14.95 -9.40
N LYS C 67 -11.95 -16.03 -8.95
CA LYS C 67 -12.14 -16.21 -7.53
C LYS C 67 -10.83 -16.59 -6.88
N LEU C 68 -9.98 -17.30 -7.58
CA LEU C 68 -8.68 -17.58 -6.97
C LEU C 68 -7.73 -16.41 -7.18
N TYR C 69 -8.05 -15.45 -8.05
CA TYR C 69 -7.27 -14.24 -8.12
C TYR C 69 -7.65 -13.25 -7.03
N ALA C 70 -8.92 -13.28 -6.63
CA ALA C 70 -9.31 -12.44 -5.51
C ALA C 70 -8.97 -13.08 -4.19
N ALA C 71 -8.62 -14.37 -4.22
CA ALA C 71 -7.95 -14.96 -3.07
C ALA C 71 -6.52 -14.45 -3.00
N ASP C 72 -5.91 -14.20 -4.16
CA ASP C 72 -4.57 -13.68 -4.23
C ASP C 72 -4.56 -12.22 -3.79
N ALA C 73 -5.56 -11.45 -4.25
CA ALA C 73 -5.72 -10.07 -3.83
C ALA C 73 -5.83 -9.97 -2.32
N GLY C 74 -6.55 -10.92 -1.74
CA GLY C 74 -6.72 -10.90 -0.30
C GLY C 74 -5.41 -11.16 0.42
N LEU C 75 -4.63 -12.11 -0.10
CA LEU C 75 -3.32 -12.43 0.45
C LEU C 75 -2.41 -11.22 0.32
N ALA C 76 -2.55 -10.48 -0.79
CA ALA C 76 -1.79 -9.29 -1.08
C ALA C 76 -2.14 -8.19 -0.09
N MET C 77 -3.43 -8.06 0.18
CA MET C 77 -3.90 -7.08 1.15
C MET C 77 -3.40 -7.46 2.53
N LEU C 78 -3.34 -8.75 2.80
CA LEU C 78 -2.88 -9.22 4.09
C LEU C 78 -1.42 -8.84 4.27
N ARG C 79 -0.64 -8.95 3.19
CA ARG C 79 0.75 -8.54 3.26
C ARG C 79 0.85 -7.03 3.39
N PHE C 80 -0.09 -6.30 2.77
CA PHE C 80 -0.13 -4.87 3.01
C PHE C 80 -0.32 -4.61 4.50
N TRP C 81 -1.27 -5.31 5.09
CA TRP C 81 -1.55 -5.09 6.50
C TRP C 81 -0.31 -5.33 7.32
N LEU C 82 0.48 -6.35 6.97
CA LEU C 82 1.69 -6.62 7.73
C LEU C 82 2.61 -5.40 7.64
N ARG C 83 2.91 -4.95 6.41
CA ARG C 83 3.69 -3.74 6.18
C ARG C 83 3.18 -2.55 6.98
N PHE C 84 1.86 -2.36 6.92
CA PHE C 84 1.23 -1.22 7.56
C PHE C 84 1.36 -1.34 9.07
N LEU C 85 1.01 -2.50 9.61
CA LEU C 85 1.04 -2.67 11.05
C LEU C 85 2.46 -2.61 11.57
N ALA C 86 3.45 -2.95 10.75
CA ALA C 86 4.84 -2.78 11.15
C ALA C 86 5.25 -1.30 11.07
N GLY C 87 4.66 -0.54 10.14
CA GLY C 87 4.91 0.89 10.03
C GLY C 87 4.30 1.75 11.15
N ILE C 88 3.06 1.47 11.55
CA ILE C 88 2.43 2.26 12.61
C ILE C 88 3.35 2.26 13.83
N GLN C 89 3.64 3.46 14.32
CA GLN C 89 4.66 3.69 15.33
C GLN C 89 4.06 4.37 16.54
N LYS C 90 2.88 4.94 16.36
CA LYS C 90 2.05 5.27 17.48
C LYS C 90 1.77 3.92 18.10
N PRO C 91 1.53 3.86 19.42
CA PRO C 91 1.69 2.60 20.14
C PRO C 91 2.74 1.76 19.45
N HIS C 92 2.34 0.67 18.79
CA HIS C 92 3.15 -0.09 17.87
C HIS C 92 2.30 -1.33 17.61
N ALA C 93 2.67 -2.11 16.62
CA ALA C 93 2.00 -3.38 16.42
C ALA C 93 3.02 -4.34 15.86
N MET C 94 2.62 -5.12 14.87
CA MET C 94 3.47 -6.15 14.31
C MET C 94 4.97 -5.77 14.35
N THR C 95 5.74 -6.47 15.19
CA THR C 95 7.19 -6.36 15.20
C THR C 95 7.74 -6.82 13.85
N PRO C 96 8.90 -6.28 13.42
CA PRO C 96 9.45 -6.67 12.12
C PRO C 96 9.58 -8.18 11.95
N HIS C 97 9.99 -8.84 13.04
CA HIS C 97 10.08 -10.29 13.07
C HIS C 97 8.74 -10.93 12.73
N GLN C 98 7.67 -10.43 13.34
CA GLN C 98 6.33 -10.95 13.11
C GLN C 98 5.95 -10.84 11.62
N VAL C 99 6.32 -9.73 10.98
CA VAL C 99 6.06 -9.58 9.55
C VAL C 99 6.82 -10.64 8.76
N GLU C 100 8.06 -10.88 9.16
CA GLU C 100 8.92 -11.88 8.51
C GLU C 100 8.28 -13.25 8.61
N THR C 101 7.90 -13.62 9.84
CA THR C 101 7.33 -14.92 10.10
C THR C 101 6.01 -15.11 9.37
N ALA C 102 5.18 -14.05 9.43
CA ALA C 102 3.88 -14.07 8.79
C ALA C 102 4.04 -14.16 7.28
N GLN C 103 4.99 -13.41 6.73
CA GLN C 103 5.21 -13.39 5.29
C GLN C 103 5.59 -14.76 4.77
N VAL C 104 6.32 -15.53 5.59
CA VAL C 104 6.72 -16.89 5.23
C VAL C 104 5.48 -17.78 5.12
N LEU C 105 4.59 -17.68 6.13
CA LEU C 105 3.36 -18.44 6.16
C LEU C 105 2.45 -18.03 5.01
N ILE C 106 2.33 -16.73 4.78
CA ILE C 106 1.47 -16.25 3.72
C ILE C 106 2.04 -16.69 2.39
N ALA C 107 3.38 -16.72 2.31
CA ALA C 107 4.07 -17.18 1.11
C ALA C 107 3.74 -18.64 0.83
N GLU C 108 3.64 -19.46 1.88
CA GLU C 108 3.30 -20.86 1.71
C GLU C 108 1.89 -20.99 1.15
N VAL C 109 0.95 -20.20 1.67
CA VAL C 109 -0.41 -20.11 1.14
C VAL C 109 -0.36 -19.55 -0.27
N GLY C 110 0.56 -18.61 -0.49
CA GLY C 110 0.73 -18.05 -1.80
C GLY C 110 1.11 -19.12 -2.82
N ARG C 111 2.09 -19.96 -2.46
CA ARG C 111 2.54 -21.06 -3.30
C ARG C 111 1.38 -21.94 -3.70
N ILE C 112 0.55 -22.30 -2.72
CA ILE C 112 -0.55 -23.24 -2.92
C ILE C 112 -1.62 -22.61 -3.80
N LEU C 113 -1.83 -21.31 -3.59
CA LEU C 113 -2.77 -20.57 -4.42
C LEU C 113 -2.26 -20.53 -5.85
N GLY C 114 -0.96 -20.27 -5.99
CA GLY C 114 -0.32 -20.26 -7.30
C GLY C 114 -0.48 -21.58 -8.03
N SER C 115 -0.18 -22.69 -7.35
CA SER C 115 -0.31 -24.03 -7.90
C SER C 115 -1.76 -24.29 -8.30
N TRP C 116 -2.69 -23.84 -7.47
CA TRP C 116 -4.12 -23.98 -7.70
C TRP C 116 -4.54 -23.14 -8.89
N ILE C 117 -4.05 -21.91 -8.99
CA ILE C 117 -4.32 -21.07 -10.15
C ILE C 117 -3.85 -21.78 -11.41
N ALA C 118 -2.64 -22.35 -11.34
CA ALA C 118 -2.03 -23.08 -12.45
C ALA C 118 -2.82 -24.34 -12.81
N ARG C 119 -3.19 -25.13 -11.80
CA ARG C 119 -3.97 -26.35 -11.99
C ARG C 119 -5.28 -26.06 -12.73
N VAL C 120 -5.89 -24.91 -12.42
CA VAL C 120 -7.10 -24.47 -13.10
C VAL C 120 -6.77 -23.97 -14.51
N ASN C 121 -5.63 -23.29 -14.68
CA ASN C 121 -5.19 -22.81 -15.98
C ASN C 121 -5.01 -23.98 -16.98
N GLN D 13 -35.32 -18.76 3.14
CA GLN D 13 -36.48 -19.63 2.86
C GLN D 13 -37.42 -19.56 4.07
N MET D 14 -37.88 -20.72 4.56
CA MET D 14 -38.46 -20.78 5.89
C MET D 14 -37.89 -21.95 6.67
N LEU D 15 -37.83 -23.12 6.05
CA LEU D 15 -37.38 -24.30 6.79
C LEU D 15 -35.88 -24.22 7.04
N ILE D 16 -35.08 -23.75 6.07
CA ILE D 16 -33.63 -23.60 6.29
C ILE D 16 -33.38 -22.70 7.50
N VAL D 17 -34.11 -21.59 7.56
CA VAL D 17 -33.92 -20.62 8.62
C VAL D 17 -34.33 -21.22 9.96
N GLU D 18 -35.43 -21.99 10.00
CA GLU D 18 -35.86 -22.61 11.24
C GLU D 18 -34.83 -23.64 11.73
N ARG D 19 -34.14 -24.28 10.78
CA ARG D 19 -33.11 -25.24 11.12
C ARG D 19 -31.81 -24.55 11.51
N TYR D 20 -31.56 -23.40 10.87
CA TYR D 20 -30.41 -22.58 11.19
C TYR D 20 -30.60 -21.86 12.51
N GLU D 21 -31.86 -21.53 12.84
CA GLU D 21 -32.17 -20.97 14.16
C GLU D 21 -31.60 -21.87 15.26
N ARG D 22 -31.59 -23.19 15.01
CA ARG D 22 -31.07 -24.14 15.97
C ARG D 22 -29.56 -24.03 16.09
N VAL D 23 -28.89 -23.77 14.96
CA VAL D 23 -27.46 -23.49 14.97
C VAL D 23 -27.20 -22.28 15.84
N ILE D 24 -27.89 -21.19 15.51
CA ILE D 24 -27.75 -19.95 16.26
C ILE D 24 -28.02 -20.21 17.74
N SER D 25 -29.10 -20.92 18.03
CA SER D 25 -29.49 -21.15 19.41
C SER D 25 -28.46 -22.00 20.14
N TYR D 26 -27.68 -22.79 19.41
CA TYR D 26 -26.61 -23.57 20.01
C TYR D 26 -25.34 -22.75 20.14
N LEU D 27 -25.01 -22.04 19.05
CA LEU D 27 -23.74 -21.33 18.93
C LEU D 27 -23.76 -19.98 19.62
N TYR D 28 -24.90 -19.28 19.63
CA TYR D 28 -24.89 -17.95 20.20
C TYR D 28 -24.45 -18.01 21.66
N PRO D 29 -25.00 -18.92 22.48
CA PRO D 29 -24.46 -19.11 23.82
C PRO D 29 -22.96 -19.32 23.90
N ILE D 30 -22.40 -20.05 22.93
CA ILE D 30 -20.97 -20.36 22.84
C ILE D 30 -20.18 -19.11 22.49
N ALA D 31 -20.81 -18.28 21.66
CA ALA D 31 -20.20 -17.07 21.13
C ALA D 31 -20.17 -15.97 22.16
N GLN D 32 -21.09 -16.06 23.12
CA GLN D 32 -21.20 -15.15 24.23
C GLN D 32 -20.30 -15.56 25.39
N SER D 33 -19.80 -16.79 25.33
CA SER D 33 -18.89 -17.32 26.32
C SER D 33 -17.44 -16.95 25.99
N ILE D 34 -17.15 -16.64 24.72
CA ILE D 34 -15.83 -16.18 24.31
C ILE D 34 -15.46 -14.97 25.15
N PRO D 35 -14.30 -14.94 25.83
CA PRO D 35 -13.99 -13.83 26.75
C PRO D 35 -13.86 -12.47 26.04
N ARG D 36 -14.00 -11.41 26.83
CA ARG D 36 -13.81 -10.05 26.37
C ARG D 36 -12.58 -9.94 25.49
N LYS D 37 -11.49 -10.59 25.94
CA LYS D 37 -10.20 -10.52 25.25
C LYS D 37 -10.41 -10.77 23.76
N HIS D 38 -11.13 -11.84 23.44
CA HIS D 38 -11.42 -12.19 22.06
C HIS D 38 -12.77 -11.63 21.65
N GLY D 39 -12.92 -10.33 21.88
CA GLY D 39 -14.19 -9.66 21.70
C GLY D 39 -14.44 -9.32 20.24
N VAL D 40 -13.38 -8.91 19.55
CA VAL D 40 -13.48 -8.66 18.12
C VAL D 40 -13.73 -9.97 17.39
N ALA D 41 -13.04 -11.05 17.76
CA ALA D 41 -13.31 -12.34 17.15
C ALA D 41 -14.76 -12.72 17.40
N ARG D 42 -15.24 -12.52 18.63
CA ARG D 42 -16.64 -12.77 18.94
C ARG D 42 -17.56 -11.95 18.05
N GLU D 43 -17.39 -10.63 17.99
CA GLU D 43 -18.28 -9.81 17.18
C GLU D 43 -18.30 -10.32 15.74
N MET D 44 -17.14 -10.74 15.24
CA MET D 44 -17.01 -11.22 13.87
C MET D 44 -17.67 -12.59 13.72
N PHE D 45 -17.53 -13.41 14.77
CA PHE D 45 -18.18 -14.71 14.79
C PHE D 45 -19.71 -14.52 14.85
N LEU D 46 -20.16 -13.66 15.73
CA LEU D 46 -21.59 -13.38 15.83
C LEU D 46 -22.14 -12.77 14.56
N LYS D 47 -21.36 -11.93 13.88
CA LYS D 47 -21.83 -11.38 12.63
C LYS D 47 -21.88 -12.46 11.56
N CYS D 48 -21.07 -13.51 11.71
CA CYS D 48 -21.12 -14.64 10.79
C CYS D 48 -22.33 -15.51 11.07
N LEU D 49 -22.55 -15.71 12.37
CA LEU D 49 -23.55 -16.63 12.88
C LEU D 49 -24.93 -16.03 12.65
N LEU D 50 -25.21 -14.92 13.33
CA LEU D 50 -26.50 -14.26 13.21
C LEU D 50 -26.73 -13.62 11.84
N GLY D 51 -25.70 -13.50 11.00
CA GLY D 51 -25.86 -12.75 9.78
C GLY D 51 -26.02 -13.68 8.58
N GLN D 52 -25.92 -14.98 8.87
CA GLN D 52 -26.18 -15.99 7.87
C GLN D 52 -27.67 -16.09 7.62
N VAL D 53 -28.47 -15.67 8.62
CA VAL D 53 -29.92 -15.66 8.48
C VAL D 53 -30.31 -14.73 7.34
N GLU D 54 -29.64 -13.58 7.26
CA GLU D 54 -29.89 -12.65 6.16
C GLU D 54 -29.51 -13.30 4.83
N LEU D 55 -28.42 -14.08 4.82
CA LEU D 55 -27.98 -14.74 3.60
C LEU D 55 -29.03 -15.74 3.11
N PHE D 56 -29.58 -16.51 4.04
CA PHE D 56 -30.63 -17.44 3.72
C PHE D 56 -31.88 -16.69 3.26
N ILE D 57 -32.22 -15.64 3.99
CA ILE D 57 -33.46 -14.97 3.71
C ILE D 57 -33.40 -14.34 2.33
N VAL D 58 -32.30 -13.66 2.00
CA VAL D 58 -32.23 -12.92 0.74
C VAL D 58 -32.29 -13.88 -0.46
N ALA D 59 -31.75 -15.08 -0.28
CA ALA D 59 -31.91 -16.14 -1.28
C ALA D 59 -33.37 -16.55 -1.38
N GLY D 60 -34.03 -16.63 -0.23
CA GLY D 60 -35.42 -17.02 -0.19
C GLY D 60 -36.28 -16.18 -1.14
N LYS D 61 -36.05 -14.87 -1.13
CA LYS D 61 -36.83 -14.00 -2.00
C LYS D 61 -36.22 -14.04 -3.40
N SER D 62 -35.04 -13.41 -3.56
CA SER D 62 -34.34 -13.39 -4.83
C SER D 62 -33.72 -14.77 -5.05
N ASN D 63 -34.47 -15.64 -5.73
CA ASN D 63 -34.13 -17.06 -5.79
C ASN D 63 -32.85 -17.33 -6.61
N GLN D 64 -32.26 -16.30 -7.24
CA GLN D 64 -31.06 -16.48 -8.05
C GLN D 64 -30.02 -17.31 -7.29
N VAL D 65 -29.48 -18.31 -7.97
CA VAL D 65 -28.56 -19.26 -7.35
C VAL D 65 -27.30 -18.58 -6.83
N SER D 66 -26.99 -17.40 -7.38
CA SER D 66 -25.88 -16.61 -6.88
C SER D 66 -26.04 -16.36 -5.38
N LYS D 67 -27.27 -15.98 -5.01
CA LYS D 67 -27.58 -15.66 -3.64
C LYS D 67 -27.55 -16.91 -2.78
N LEU D 68 -27.82 -18.05 -3.40
CA LEU D 68 -27.85 -19.32 -2.70
C LEU D 68 -26.45 -19.84 -2.41
N TYR D 69 -25.48 -19.47 -3.24
CA TYR D 69 -24.13 -19.98 -3.05
C TYR D 69 -23.41 -19.18 -1.98
N ALA D 70 -23.82 -17.91 -1.88
CA ALA D 70 -23.32 -17.04 -0.83
C ALA D 70 -23.79 -17.54 0.53
N ALA D 71 -24.99 -18.11 0.56
CA ALA D 71 -25.49 -18.75 1.77
C ALA D 71 -24.62 -19.95 2.11
N ASP D 72 -24.18 -20.70 1.10
CA ASP D 72 -23.34 -21.87 1.29
C ASP D 72 -21.97 -21.44 1.80
N ALA D 73 -21.41 -20.41 1.16
CA ALA D 73 -20.15 -19.83 1.60
C ALA D 73 -20.23 -19.43 3.07
N GLY D 74 -21.37 -18.87 3.45
CA GLY D 74 -21.54 -18.39 4.81
C GLY D 74 -21.55 -19.56 5.80
N LEU D 75 -22.21 -20.65 5.42
CA LEU D 75 -22.24 -21.85 6.23
C LEU D 75 -20.84 -22.44 6.35
N ALA D 76 -20.09 -22.35 5.24
CA ALA D 76 -18.72 -22.82 5.18
C ALA D 76 -17.83 -21.98 6.09
N MET D 77 -18.06 -20.67 6.06
CA MET D 77 -17.33 -19.77 6.92
C MET D 77 -17.69 -20.03 8.36
N LEU D 78 -18.95 -20.36 8.61
CA LEU D 78 -19.37 -20.67 9.97
C LEU D 78 -18.66 -21.92 10.45
N ARG D 79 -18.48 -22.90 9.56
CA ARG D 79 -17.71 -24.08 9.88
C ARG D 79 -16.26 -23.71 10.17
N PHE D 80 -15.72 -22.76 9.40
CA PHE D 80 -14.38 -22.26 9.70
C PHE D 80 -14.38 -21.66 11.10
N TRP D 81 -15.37 -20.83 11.41
CA TRP D 81 -15.42 -20.21 12.73
C TRP D 81 -15.41 -21.26 13.82
N LEU D 82 -16.08 -22.40 13.59
CA LEU D 82 -16.06 -23.45 14.60
C LEU D 82 -14.61 -23.91 14.80
N ARG D 83 -13.94 -24.28 13.71
CA ARG D 83 -12.54 -24.65 13.75
C ARG D 83 -11.69 -23.59 14.44
N PHE D 84 -11.92 -22.33 14.10
CA PHE D 84 -11.15 -21.23 14.63
C PHE D 84 -11.39 -21.09 16.12
N LEU D 85 -12.65 -21.06 16.52
CA LEU D 85 -12.97 -20.90 17.92
C LEU D 85 -12.51 -22.09 18.75
N ALA D 86 -12.45 -23.27 18.14
CA ALA D 86 -11.87 -24.46 18.73
C ALA D 86 -10.39 -24.57 18.38
N GLY D 87 -9.57 -23.77 19.03
CA GLY D 87 -8.13 -23.98 18.91
C GLY D 87 -7.34 -22.73 18.55
N ILE D 88 -7.73 -22.03 17.48
CA ILE D 88 -6.92 -20.90 17.02
C ILE D 88 -7.13 -19.70 17.95
N GLN D 89 -8.38 -19.49 18.41
CA GLN D 89 -8.65 -18.69 19.58
C GLN D 89 -7.93 -19.35 20.76
N LYS D 90 -7.09 -18.63 21.50
CA LYS D 90 -6.10 -19.37 22.29
C LYS D 90 -6.73 -20.09 23.49
N PRO D 91 -7.47 -19.43 24.40
CA PRO D 91 -8.37 -20.22 25.25
C PRO D 91 -9.42 -20.88 24.36
N HIS D 92 -9.22 -22.16 23.94
CA HIS D 92 -10.07 -22.75 22.92
C HIS D 92 -11.53 -22.69 23.37
N ALA D 93 -12.27 -21.75 22.77
CA ALA D 93 -13.58 -21.37 23.22
C ALA D 93 -14.56 -22.53 23.07
N MET D 94 -14.99 -22.80 21.84
CA MET D 94 -15.73 -24.00 21.55
C MET D 94 -14.93 -25.25 21.93
N THR D 95 -15.46 -26.09 22.85
CA THR D 95 -14.90 -27.40 23.14
C THR D 95 -15.08 -28.31 21.92
N PRO D 96 -14.20 -29.31 21.72
CA PRO D 96 -14.32 -30.20 20.57
C PRO D 96 -15.72 -30.81 20.41
N HIS D 97 -16.32 -31.18 21.54
CA HIS D 97 -17.68 -31.71 21.55
C HIS D 97 -18.65 -30.70 20.93
N GLN D 98 -18.53 -29.43 21.34
CA GLN D 98 -19.40 -28.38 20.86
C GLN D 98 -19.26 -28.22 19.34
N VAL D 99 -18.04 -28.35 18.82
CA VAL D 99 -17.83 -28.29 17.38
C VAL D 99 -18.57 -29.44 16.71
N GLU D 100 -18.48 -30.63 17.31
CA GLU D 100 -19.13 -31.82 16.77
C GLU D 100 -20.65 -31.60 16.71
N THR D 101 -21.23 -31.12 17.83
CA THR D 101 -22.67 -30.90 17.90
C THR D 101 -23.12 -29.81 16.94
N ALA D 102 -22.35 -28.72 16.90
CA ALA D 102 -22.64 -27.60 16.01
C ALA D 102 -22.57 -28.05 14.55
N GLN D 103 -21.55 -28.84 14.23
CA GLN D 103 -21.35 -29.31 12.89
C GLN D 103 -22.50 -30.18 12.41
N VAL D 104 -23.14 -30.91 13.34
CA VAL D 104 -24.32 -31.70 13.03
C VAL D 104 -25.48 -30.80 12.60
N LEU D 105 -25.70 -29.73 13.38
CA LEU D 105 -26.76 -28.77 13.10
C LEU D 105 -26.49 -28.03 11.80
N ILE D 106 -25.23 -27.62 11.62
CA ILE D 106 -24.85 -26.90 10.42
C ILE D 106 -24.99 -27.83 9.23
N ALA D 107 -24.68 -29.12 9.44
CA ALA D 107 -24.80 -30.12 8.40
C ALA D 107 -26.26 -30.28 7.98
N GLU D 108 -27.18 -30.20 8.95
CA GLU D 108 -28.59 -30.31 8.63
C GLU D 108 -29.01 -29.15 7.73
N VAL D 109 -28.58 -27.94 8.06
CA VAL D 109 -28.89 -26.80 7.22
C VAL D 109 -28.08 -26.89 5.94
N GLY D 110 -26.91 -27.54 6.00
CA GLY D 110 -26.13 -27.81 4.80
C GLY D 110 -26.92 -28.67 3.83
N ARG D 111 -27.52 -29.76 4.33
CA ARG D 111 -28.32 -30.67 3.53
C ARG D 111 -29.42 -29.91 2.80
N ILE D 112 -30.12 -29.05 3.55
CA ILE D 112 -31.29 -28.33 3.02
C ILE D 112 -30.84 -27.33 1.98
N LEU D 113 -29.69 -26.70 2.23
CA LEU D 113 -29.12 -25.78 1.27
C LEU D 113 -28.72 -26.51 -0.01
N GLY D 114 -28.12 -27.68 0.17
CA GLY D 114 -27.77 -28.53 -0.96
C GLY D 114 -28.97 -28.91 -1.80
N SER D 115 -30.04 -29.40 -1.14
CA SER D 115 -31.28 -29.77 -1.82
C SER D 115 -31.86 -28.57 -2.56
N TRP D 116 -31.79 -27.40 -1.91
CA TRP D 116 -32.28 -26.16 -2.47
C TRP D 116 -31.44 -25.73 -3.68
N ILE D 117 -30.11 -25.85 -3.57
CA ILE D 117 -29.23 -25.61 -4.72
C ILE D 117 -29.67 -26.50 -5.89
N ALA D 118 -29.89 -27.79 -5.58
CA ALA D 118 -30.26 -28.79 -6.55
C ALA D 118 -31.63 -28.49 -7.17
N ARG D 119 -32.60 -28.11 -6.33
CA ARG D 119 -33.92 -27.74 -6.82
C ARG D 119 -33.82 -26.56 -7.79
N VAL D 120 -32.85 -25.65 -7.57
CA VAL D 120 -32.78 -24.47 -8.42
C VAL D 120 -32.06 -24.79 -9.72
N ASN D 121 -30.95 -25.53 -9.66
CA ASN D 121 -30.25 -25.90 -10.87
C ASN D 121 -30.77 -27.23 -11.41
N ARG D 122 -32.09 -27.34 -11.55
CA ARG D 122 -32.66 -28.54 -12.14
C ARG D 122 -32.40 -28.54 -13.64
N LYS D 123 -32.28 -27.35 -14.22
CA LYS D 123 -31.93 -27.22 -15.62
C LYS D 123 -31.09 -25.96 -15.84
N ASP E 12 -46.21 2.91 -2.38
CA ASP E 12 -45.27 4.06 -2.52
C ASP E 12 -44.36 4.12 -1.28
N GLN E 13 -43.12 4.58 -1.50
CA GLN E 13 -42.09 4.57 -0.48
C GLN E 13 -42.52 5.39 0.74
N MET E 14 -43.21 6.52 0.51
CA MET E 14 -43.58 7.42 1.59
C MET E 14 -44.49 6.74 2.63
N LEU E 15 -45.52 6.03 2.14
CA LEU E 15 -46.45 5.34 3.01
C LEU E 15 -45.74 4.28 3.84
N ILE E 16 -44.99 3.39 3.16
CA ILE E 16 -44.34 2.28 3.82
C ILE E 16 -43.43 2.83 4.91
N VAL E 17 -42.67 3.86 4.57
CA VAL E 17 -41.70 4.43 5.50
C VAL E 17 -42.42 5.02 6.71
N GLU E 18 -43.55 5.72 6.50
CA GLU E 18 -44.27 6.30 7.63
C GLU E 18 -44.84 5.21 8.54
N ARG E 19 -45.18 4.06 7.95
CA ARG E 19 -45.70 2.94 8.72
C ARG E 19 -44.57 2.18 9.40
N TYR E 20 -43.42 2.13 8.73
CA TYR E 20 -42.23 1.53 9.30
C TYR E 20 -41.62 2.40 10.39
N GLU E 21 -41.78 3.72 10.25
CA GLU E 21 -41.37 4.62 11.31
C GLU E 21 -42.01 4.23 12.64
N ARG E 22 -43.23 3.66 12.57
CA ARG E 22 -43.92 3.21 13.78
C ARG E 22 -43.25 1.97 14.36
N VAL E 23 -42.75 1.07 13.48
CA VAL E 23 -41.95 -0.06 13.91
C VAL E 23 -40.73 0.44 14.66
N ILE E 24 -39.98 1.32 14.00
CA ILE E 24 -38.78 1.91 14.59
C ILE E 24 -39.14 2.56 15.91
N SER E 25 -40.23 3.34 15.93
CA SER E 25 -40.58 4.10 17.13
C SER E 25 -40.96 3.16 18.26
N TYR E 26 -41.41 1.94 17.93
CA TYR E 26 -41.73 0.95 18.95
C TYR E 26 -40.48 0.20 19.36
N LEU E 27 -39.73 -0.24 18.36
CA LEU E 27 -38.61 -1.16 18.55
C LEU E 27 -37.36 -0.44 18.99
N TYR E 28 -37.12 0.79 18.55
CA TYR E 28 -35.85 1.42 18.88
C TYR E 28 -35.71 1.53 20.38
N PRO E 29 -36.72 2.02 21.12
CA PRO E 29 -36.66 1.99 22.57
C PRO E 29 -36.31 0.63 23.16
N ILE E 30 -36.90 -0.42 22.58
CA ILE E 30 -36.79 -1.80 23.03
C ILE E 30 -35.42 -2.35 22.70
N ALA E 31 -34.88 -1.86 21.59
CA ALA E 31 -33.61 -2.32 21.04
C ALA E 31 -32.46 -1.63 21.68
N GLN E 32 -32.76 -0.54 22.38
CA GLN E 32 -31.77 0.16 23.18
C GLN E 32 -31.75 -0.43 24.60
N SER E 33 -32.79 -1.18 24.95
CA SER E 33 -32.92 -1.82 26.23
C SER E 33 -32.27 -3.21 26.25
N ILE E 34 -32.01 -3.80 25.07
CA ILE E 34 -31.30 -5.07 24.95
C ILE E 34 -29.98 -4.94 25.71
N PRO E 35 -29.66 -5.87 26.63
CA PRO E 35 -28.51 -5.69 27.52
C PRO E 35 -27.18 -5.61 26.81
N ARG E 36 -26.21 -4.95 27.42
CA ARG E 36 -24.89 -4.90 26.82
C ARG E 36 -24.36 -6.32 26.55
N LYS E 37 -24.67 -7.27 27.44
CA LYS E 37 -24.28 -8.66 27.22
C LYS E 37 -24.62 -9.09 25.81
N HIS E 38 -25.84 -8.82 25.37
CA HIS E 38 -26.28 -9.11 24.03
C HIS E 38 -26.10 -7.89 23.12
N GLY E 39 -24.87 -7.38 23.14
CA GLY E 39 -24.59 -6.06 22.60
C GLY E 39 -24.40 -6.10 21.09
N VAL E 40 -23.72 -7.14 20.62
CA VAL E 40 -23.58 -7.34 19.19
C VAL E 40 -24.93 -7.61 18.57
N ALA E 41 -25.74 -8.47 19.20
CA ALA E 41 -27.07 -8.74 18.67
C ALA E 41 -27.86 -7.43 18.61
N ARG E 42 -27.78 -6.65 19.69
CA ARG E 42 -28.46 -5.37 19.73
C ARG E 42 -28.02 -4.46 18.59
N GLU E 43 -26.70 -4.22 18.48
CA GLU E 43 -26.25 -3.28 17.46
C GLU E 43 -26.67 -3.76 16.09
N MET E 44 -26.69 -5.07 15.89
CA MET E 44 -27.06 -5.65 14.60
C MET E 44 -28.56 -5.56 14.40
N PHE E 45 -29.33 -5.68 15.48
CA PHE E 45 -30.76 -5.51 15.42
C PHE E 45 -31.11 -4.05 15.14
N LEU E 46 -30.44 -3.12 15.83
CA LEU E 46 -30.65 -1.70 15.56
C LEU E 46 -30.28 -1.35 14.13
N LYS E 47 -29.20 -1.94 13.62
CA LYS E 47 -28.80 -1.67 12.26
C LYS E 47 -29.76 -2.33 11.27
N CYS E 48 -30.49 -3.33 11.73
CA CYS E 48 -31.50 -3.96 10.89
C CYS E 48 -32.75 -3.11 10.88
N LEU E 49 -33.06 -2.58 12.05
CA LEU E 49 -34.28 -1.81 12.29
C LEU E 49 -34.18 -0.45 11.62
N LEU E 50 -33.29 0.42 12.11
CA LEU E 50 -33.01 1.66 11.39
C LEU E 50 -32.01 1.20 10.37
N GLY E 51 -32.41 1.14 9.13
CA GLY E 51 -31.52 0.50 8.18
C GLY E 51 -32.39 -0.14 7.15
N GLN E 52 -33.55 -0.57 7.61
CA GLN E 52 -34.59 -1.04 6.71
C GLN E 52 -35.23 0.16 6.02
N VAL E 53 -35.15 1.32 6.66
CA VAL E 53 -35.64 2.57 6.09
C VAL E 53 -34.91 2.84 4.79
N GLU E 54 -33.58 2.63 4.80
CA GLU E 54 -32.79 2.79 3.59
C GLU E 54 -33.23 1.77 2.54
N LEU E 55 -33.57 0.55 2.96
CA LEU E 55 -34.01 -0.47 2.01
C LEU E 55 -35.29 -0.04 1.31
N PHE E 56 -36.25 0.48 2.08
CA PHE E 56 -37.47 0.99 1.52
C PHE E 56 -37.18 2.18 0.61
N ILE E 57 -36.36 3.10 1.11
CA ILE E 57 -36.12 4.34 0.40
C ILE E 57 -35.46 4.04 -0.94
N VAL E 58 -34.46 3.16 -0.97
CA VAL E 58 -33.79 2.81 -2.21
C VAL E 58 -34.77 2.14 -3.18
N ALA E 59 -35.69 1.35 -2.63
CA ALA E 59 -36.72 0.70 -3.41
C ALA E 59 -37.63 1.71 -4.10
N GLY E 60 -37.94 2.79 -3.38
CA GLY E 60 -38.85 3.79 -3.88
C GLY E 60 -38.23 4.80 -4.82
N LYS E 61 -36.95 5.11 -4.61
CA LYS E 61 -36.32 6.17 -5.40
C LYS E 61 -35.70 5.58 -6.65
N SER E 62 -35.93 4.29 -6.85
CA SER E 62 -35.48 3.60 -8.03
C SER E 62 -36.56 2.59 -8.34
N ASN E 63 -36.18 1.54 -9.03
CA ASN E 63 -37.08 0.42 -9.25
C ASN E 63 -36.34 -0.70 -9.95
N GLN E 64 -36.38 -1.90 -9.34
CA GLN E 64 -35.82 -3.07 -9.99
C GLN E 64 -36.57 -4.32 -9.52
N VAL E 65 -37.47 -4.13 -8.54
CA VAL E 65 -38.22 -5.18 -7.85
C VAL E 65 -37.31 -6.10 -7.04
N SER E 66 -36.03 -6.19 -7.39
CA SER E 66 -35.07 -6.82 -6.50
C SER E 66 -34.88 -5.96 -5.26
N LYS E 67 -34.99 -4.66 -5.46
CA LYS E 67 -34.90 -3.74 -4.35
C LYS E 67 -36.16 -3.83 -3.49
N LEU E 68 -37.27 -4.20 -4.11
CA LEU E 68 -38.50 -4.38 -3.37
C LEU E 68 -38.54 -5.74 -2.72
N TYR E 69 -37.64 -6.62 -3.11
CA TYR E 69 -37.51 -7.89 -2.44
C TYR E 69 -36.54 -7.77 -1.31
N ALA E 70 -35.50 -6.96 -1.55
CA ALA E 70 -34.51 -6.75 -0.51
C ALA E 70 -35.14 -6.02 0.66
N ALA E 71 -36.17 -5.22 0.37
CA ALA E 71 -36.93 -4.60 1.45
C ALA E 71 -37.69 -5.67 2.23
N ASP E 72 -38.24 -6.66 1.51
CA ASP E 72 -38.98 -7.75 2.14
C ASP E 72 -38.04 -8.62 2.96
N ALA E 73 -36.88 -8.94 2.39
CA ALA E 73 -35.84 -9.67 3.10
C ALA E 73 -35.49 -8.96 4.40
N GLY E 74 -35.42 -7.64 4.34
CA GLY E 74 -35.05 -6.88 5.53
C GLY E 74 -36.13 -6.98 6.60
N LEU E 75 -37.38 -6.91 6.18
CA LEU E 75 -38.52 -7.05 7.09
C LEU E 75 -38.53 -8.46 7.69
N ALA E 76 -38.14 -9.43 6.86
CA ALA E 76 -38.05 -10.83 7.27
C ALA E 76 -36.95 -11.01 8.30
N MET E 77 -35.81 -10.34 8.06
CA MET E 77 -34.71 -10.37 8.98
C MET E 77 -35.10 -9.69 10.27
N LEU E 78 -35.88 -8.63 10.15
CA LEU E 78 -36.33 -7.92 11.35
C LEU E 78 -37.20 -8.83 12.18
N ARG E 79 -38.05 -9.61 11.50
CA ARG E 79 -38.89 -10.58 12.16
C ARG E 79 -38.02 -11.64 12.83
N PHE E 80 -36.94 -12.06 12.15
CA PHE E 80 -36.01 -13.00 12.74
C PHE E 80 -35.44 -12.40 14.02
N TRP E 81 -35.00 -11.13 13.94
CA TRP E 81 -34.40 -10.52 15.11
C TRP E 81 -35.35 -10.55 16.29
N LEU E 82 -36.65 -10.33 16.03
CA LEU E 82 -37.61 -10.33 17.11
C LEU E 82 -37.62 -11.70 17.76
N ARG E 83 -37.79 -12.76 16.94
CA ARG E 83 -37.85 -14.09 17.49
C ARG E 83 -36.53 -14.45 18.18
N PHE E 84 -35.39 -14.00 17.63
CA PHE E 84 -34.10 -14.28 18.23
C PHE E 84 -33.97 -13.58 19.57
N LEU E 85 -34.25 -12.29 19.58
CA LEU E 85 -34.09 -11.52 20.81
C LEU E 85 -35.08 -12.01 21.89
N ALA E 86 -36.24 -12.54 21.49
CA ALA E 86 -37.16 -13.10 22.45
C ALA E 86 -36.62 -14.47 22.85
N GLY E 87 -36.04 -14.53 24.06
CA GLY E 87 -35.40 -15.74 24.52
C GLY E 87 -34.01 -15.93 23.96
N ILE E 88 -33.21 -14.88 24.05
CA ILE E 88 -31.83 -14.92 23.60
C ILE E 88 -30.98 -15.60 24.68
N GLN E 89 -31.30 -15.36 25.95
CA GLN E 89 -30.59 -15.92 27.09
C GLN E 89 -31.22 -15.49 28.42
N LYS E 90 -30.53 -15.73 29.53
CA LYS E 90 -30.96 -15.21 30.82
C LYS E 90 -31.11 -13.68 30.83
N PRO E 91 -30.11 -12.87 30.39
CA PRO E 91 -30.43 -11.46 30.15
C PRO E 91 -31.49 -11.35 29.05
N HIS E 92 -32.77 -11.24 29.43
CA HIS E 92 -33.86 -11.18 28.47
C HIS E 92 -33.79 -9.89 27.67
N ALA E 93 -33.85 -9.99 26.36
CA ALA E 93 -33.71 -8.81 25.52
C ALA E 93 -35.10 -8.21 25.22
N MET E 94 -35.92 -8.97 24.49
CA MET E 94 -37.24 -8.55 24.10
C MET E 94 -38.29 -9.43 24.77
N THR E 95 -39.26 -8.83 25.48
CA THR E 95 -40.32 -9.61 26.12
C THR E 95 -41.23 -10.17 25.03
N PRO E 96 -41.85 -11.35 25.27
CA PRO E 96 -42.70 -11.96 24.24
C PRO E 96 -43.81 -11.02 23.77
N HIS E 97 -44.37 -10.24 24.71
CA HIS E 97 -45.37 -9.24 24.39
C HIS E 97 -44.84 -8.25 23.35
N GLN E 98 -43.61 -7.75 23.59
CA GLN E 98 -42.99 -6.78 22.69
C GLN E 98 -42.88 -7.36 21.27
N VAL E 99 -42.51 -8.65 21.17
CA VAL E 99 -42.43 -9.30 19.87
C VAL E 99 -43.79 -9.32 19.20
N GLU E 100 -44.83 -9.62 19.99
CA GLU E 100 -46.20 -9.69 19.48
C GLU E 100 -46.62 -8.32 18.92
N THR E 101 -46.39 -7.25 19.71
CA THR E 101 -46.75 -5.89 19.34
C THR E 101 -45.97 -5.44 18.10
N ALA E 102 -44.66 -5.71 18.11
CA ALA E 102 -43.77 -5.35 17.02
C ALA E 102 -44.18 -6.09 15.75
N GLN E 103 -44.47 -7.39 15.90
CA GLN E 103 -44.85 -8.23 14.76
C GLN E 103 -46.09 -7.69 14.07
N VAL E 104 -47.01 -7.10 14.85
CA VAL E 104 -48.22 -6.49 14.30
C VAL E 104 -47.86 -5.31 13.41
N LEU E 105 -46.98 -4.45 13.90
CA LEU E 105 -46.53 -3.27 13.18
C LEU E 105 -45.75 -3.67 11.94
N ILE E 106 -44.86 -4.66 12.10
CA ILE E 106 -44.05 -5.11 10.98
C ILE E 106 -44.97 -5.75 9.95
N ALA E 107 -46.01 -6.43 10.44
CA ALA E 107 -47.00 -7.05 9.57
C ALA E 107 -47.73 -6.01 8.73
N GLU E 108 -48.03 -4.86 9.35
CA GLU E 108 -48.70 -3.77 8.63
C GLU E 108 -47.81 -3.28 7.49
N VAL E 109 -46.52 -3.09 7.78
CA VAL E 109 -45.58 -2.67 6.74
C VAL E 109 -45.37 -3.83 5.77
N GLY E 110 -45.48 -5.06 6.28
CA GLY E 110 -45.41 -6.23 5.43
C GLY E 110 -46.51 -6.22 4.38
N ARG E 111 -47.75 -5.96 4.83
CA ARG E 111 -48.91 -5.89 3.96
C ARG E 111 -48.70 -4.89 2.83
N ILE E 112 -48.20 -3.70 3.20
CA ILE E 112 -48.02 -2.60 2.27
C ILE E 112 -46.93 -2.94 1.27
N LEU E 113 -45.88 -3.59 1.76
CA LEU E 113 -44.78 -4.03 0.91
C LEU E 113 -45.30 -5.07 -0.08
N GLY E 114 -46.10 -6.00 0.43
CA GLY E 114 -46.72 -7.02 -0.40
C GLY E 114 -47.56 -6.42 -1.53
N SER E 115 -48.47 -5.49 -1.17
CA SER E 115 -49.32 -4.81 -2.12
C SER E 115 -48.49 -4.05 -3.16
N TRP E 116 -47.42 -3.44 -2.67
CA TRP E 116 -46.52 -2.68 -3.52
C TRP E 116 -45.75 -3.60 -4.48
N ILE E 117 -45.27 -4.73 -3.96
CA ILE E 117 -44.63 -5.73 -4.82
C ILE E 117 -45.60 -6.16 -5.91
N ALA E 118 -46.86 -6.40 -5.51
CA ALA E 118 -47.92 -6.84 -6.42
C ALA E 118 -48.24 -5.75 -7.46
N ARG E 119 -48.40 -4.50 -7.01
CA ARG E 119 -48.72 -3.41 -7.90
C ARG E 119 -47.64 -3.22 -8.97
N VAL E 120 -46.37 -3.47 -8.60
CA VAL E 120 -45.26 -3.42 -9.55
C VAL E 120 -45.29 -4.66 -10.45
N ASN E 121 -45.68 -5.80 -9.89
CA ASN E 121 -45.80 -7.05 -10.63
C ASN E 121 -47.15 -7.12 -11.36
N GLN F 13 -22.02 17.88 -12.94
CA GLN F 13 -22.54 18.67 -11.79
C GLN F 13 -21.75 18.32 -10.53
N MET F 14 -20.72 19.11 -10.25
CA MET F 14 -19.95 18.93 -9.04
C MET F 14 -20.18 20.08 -8.09
N LEU F 15 -21.15 20.93 -8.44
CA LEU F 15 -21.66 21.89 -7.47
C LEU F 15 -22.52 21.12 -6.50
N ILE F 16 -22.93 19.91 -6.93
CA ILE F 16 -23.66 19.01 -6.08
C ILE F 16 -22.87 18.74 -4.82
N VAL F 17 -21.66 18.20 -5.01
CA VAL F 17 -20.84 17.95 -3.85
C VAL F 17 -20.66 19.25 -3.06
N GLU F 18 -20.42 20.36 -3.77
CA GLU F 18 -20.08 21.56 -3.01
C GLU F 18 -21.29 22.24 -2.40
N ARG F 19 -22.50 21.82 -2.73
CA ARG F 19 -23.69 22.31 -2.05
C ARG F 19 -24.11 21.33 -0.98
N TYR F 20 -23.73 20.07 -1.19
CA TYR F 20 -23.93 19.07 -0.18
C TYR F 20 -22.95 19.26 0.96
N GLU F 21 -21.78 19.79 0.62
CA GLU F 21 -20.78 19.90 1.64
C GLU F 21 -21.17 20.93 2.70
N ARG F 22 -22.23 21.69 2.46
CA ARG F 22 -22.72 22.58 3.50
C ARG F 22 -23.85 21.92 4.27
N VAL F 23 -24.45 20.89 3.68
CA VAL F 23 -25.32 20.01 4.43
C VAL F 23 -24.48 19.30 5.49
N ILE F 24 -23.41 18.69 5.01
CA ILE F 24 -22.44 18.07 5.91
C ILE F 24 -21.97 19.07 6.96
N SER F 25 -21.63 20.28 6.51
CA SER F 25 -21.08 21.26 7.44
C SER F 25 -22.11 21.70 8.47
N TYR F 26 -23.38 21.50 8.18
CA TYR F 26 -24.43 21.84 9.12
C TYR F 26 -24.78 20.66 10.00
N LEU F 27 -24.89 19.50 9.33
CA LEU F 27 -25.38 18.31 10.00
C LEU F 27 -24.27 17.61 10.79
N TYR F 28 -23.03 17.67 10.30
CA TYR F 28 -21.99 16.96 11.01
C TYR F 28 -21.86 17.49 12.42
N PRO F 29 -21.79 18.81 12.65
CA PRO F 29 -21.66 19.28 14.03
C PRO F 29 -22.70 18.69 14.94
N ILE F 30 -23.93 18.54 14.45
CA ILE F 30 -24.98 18.08 15.34
C ILE F 30 -25.07 16.56 15.31
N ALA F 31 -24.38 15.92 14.37
CA ALA F 31 -24.31 14.47 14.37
C ALA F 31 -23.22 13.99 15.31
N GLN F 32 -22.13 14.72 15.40
CA GLN F 32 -21.10 14.36 16.38
C GLN F 32 -21.77 14.56 17.73
N SER F 33 -22.74 15.47 17.81
CA SER F 33 -23.34 15.76 19.10
C SER F 33 -24.16 14.58 19.62
N ILE F 34 -24.75 13.76 18.75
CA ILE F 34 -25.66 12.70 19.21
C ILE F 34 -24.96 11.85 20.27
N PRO F 35 -25.56 11.66 21.48
CA PRO F 35 -24.84 10.96 22.56
C PRO F 35 -24.54 9.50 22.26
N ARG F 36 -23.62 8.90 23.04
CA ARG F 36 -23.36 7.47 22.94
C ARG F 36 -24.65 6.67 22.98
N LYS F 37 -25.55 7.08 23.87
CA LYS F 37 -26.86 6.48 24.01
C LYS F 37 -27.46 6.19 22.65
N HIS F 38 -27.48 7.20 21.79
CA HIS F 38 -28.01 7.05 20.45
C HIS F 38 -26.89 6.77 19.45
N GLY F 39 -26.08 5.79 19.77
CA GLY F 39 -24.77 5.64 19.15
C GLY F 39 -24.84 4.94 17.81
N VAL F 40 -25.67 3.90 17.76
CA VAL F 40 -25.89 3.21 16.49
C VAL F 40 -26.57 4.13 15.51
N ALA F 41 -27.59 4.86 15.98
CA ALA F 41 -28.25 5.83 15.12
C ALA F 41 -27.24 6.86 14.63
N ARG F 42 -26.41 7.36 15.53
CA ARG F 42 -25.36 8.30 15.15
C ARG F 42 -24.45 7.70 14.09
N GLU F 43 -23.86 6.55 14.35
CA GLU F 43 -22.90 5.98 13.39
C GLU F 43 -23.54 5.87 12.03
N MET F 44 -24.82 5.47 12.03
CA MET F 44 -25.57 5.24 10.80
C MET F 44 -25.94 6.55 10.13
N PHE F 45 -26.24 7.56 10.97
CA PHE F 45 -26.50 8.89 10.45
C PHE F 45 -25.24 9.49 9.86
N LEU F 46 -24.12 9.38 10.58
CA LEU F 46 -22.86 9.88 10.06
C LEU F 46 -22.46 9.15 8.79
N LYS F 47 -22.70 7.85 8.73
CA LYS F 47 -22.36 7.11 7.52
C LYS F 47 -23.29 7.51 6.39
N CYS F 48 -24.49 8.00 6.73
CA CYS F 48 -25.43 8.46 5.72
C CYS F 48 -25.02 9.82 5.20
N LEU F 49 -24.60 10.66 6.13
CA LEU F 49 -24.30 12.05 5.87
C LEU F 49 -22.97 12.15 5.14
N LEU F 50 -21.89 11.73 5.79
CA LEU F 50 -20.57 11.77 5.16
C LEU F 50 -20.40 10.79 4.01
N GLY F 51 -21.36 9.87 3.82
CA GLY F 51 -21.13 8.82 2.86
C GLY F 51 -21.96 9.04 1.61
N GLN F 52 -22.76 10.10 1.67
CA GLN F 52 -23.51 10.56 0.51
C GLN F 52 -22.57 11.18 -0.50
N VAL F 53 -21.42 11.69 -0.01
CA VAL F 53 -20.40 12.25 -0.88
C VAL F 53 -19.94 11.18 -1.85
N GLU F 54 -19.73 9.98 -1.35
CA GLU F 54 -19.33 8.86 -2.22
C GLU F 54 -20.46 8.55 -3.21
N LEU F 55 -21.71 8.67 -2.78
CA LEU F 55 -22.83 8.41 -3.68
C LEU F 55 -22.84 9.40 -4.84
N PHE F 56 -22.61 10.67 -4.53
CA PHE F 56 -22.51 11.70 -5.55
C PHE F 56 -21.31 11.43 -6.44
N ILE F 57 -20.17 11.15 -5.81
CA ILE F 57 -18.93 10.96 -6.53
C ILE F 57 -19.08 9.83 -7.54
N VAL F 58 -19.66 8.69 -7.12
CA VAL F 58 -19.83 7.56 -8.00
C VAL F 58 -20.77 7.91 -9.15
N ALA F 59 -21.79 8.73 -8.84
CA ALA F 59 -22.73 9.22 -9.84
C ALA F 59 -22.03 10.06 -10.90
N GLY F 60 -21.08 10.89 -10.46
CA GLY F 60 -20.36 11.78 -11.35
C GLY F 60 -19.22 11.13 -12.12
N LYS F 61 -18.84 9.91 -11.75
CA LYS F 61 -17.83 9.20 -12.50
C LYS F 61 -18.48 8.25 -13.48
N SER F 62 -19.81 8.31 -13.58
CA SER F 62 -20.51 7.38 -14.44
C SER F 62 -21.61 8.08 -15.23
N ASN F 63 -22.31 9.01 -14.57
CA ASN F 63 -23.49 9.64 -15.14
C ASN F 63 -24.56 8.62 -15.54
N GLN F 64 -24.52 7.44 -14.92
CA GLN F 64 -25.55 6.44 -15.07
C GLN F 64 -26.66 6.92 -14.14
N VAL F 65 -27.91 6.83 -14.59
CA VAL F 65 -28.96 7.39 -13.77
C VAL F 65 -29.21 6.51 -12.56
N SER F 66 -28.84 5.23 -12.65
CA SER F 66 -28.95 4.34 -11.50
C SER F 66 -28.18 4.91 -10.31
N LYS F 67 -26.95 5.36 -10.60
CA LYS F 67 -26.12 5.88 -9.53
C LYS F 67 -26.65 7.22 -9.06
N LEU F 68 -27.32 7.94 -9.96
CA LEU F 68 -27.96 9.20 -9.63
C LEU F 68 -29.20 9.01 -8.76
N TYR F 69 -29.90 7.89 -8.96
CA TYR F 69 -31.06 7.58 -8.15
C TYR F 69 -30.62 7.10 -6.77
N ALA F 70 -29.47 6.44 -6.72
CA ALA F 70 -28.88 5.99 -5.48
C ALA F 70 -28.49 7.18 -4.63
N ALA F 71 -28.01 8.24 -5.31
CA ALA F 71 -27.71 9.49 -4.64
C ALA F 71 -28.98 10.12 -4.08
N ASP F 72 -30.10 10.00 -4.83
CA ASP F 72 -31.38 10.53 -4.40
C ASP F 72 -31.90 9.75 -3.20
N ALA F 73 -31.78 8.43 -3.27
CA ALA F 73 -32.14 7.56 -2.16
C ALA F 73 -31.38 7.97 -0.92
N GLY F 74 -30.11 8.31 -1.09
CA GLY F 74 -29.30 8.69 0.04
C GLY F 74 -29.77 9.99 0.67
N LEU F 75 -30.14 10.95 -0.17
CA LEU F 75 -30.69 12.22 0.28
C LEU F 75 -32.01 12.00 1.00
N ALA F 76 -32.78 11.04 0.51
CA ALA F 76 -34.07 10.65 1.08
C ALA F 76 -33.86 10.04 2.45
N MET F 77 -32.84 9.18 2.54
CA MET F 77 -32.49 8.55 3.80
C MET F 77 -31.99 9.59 4.77
N LEU F 78 -31.26 10.58 4.26
CA LEU F 78 -30.77 11.64 5.11
C LEU F 78 -31.94 12.45 5.68
N ARG F 79 -32.96 12.65 4.86
CA ARG F 79 -34.18 13.31 5.30
C ARG F 79 -34.85 12.47 6.38
N PHE F 80 -34.85 11.14 6.19
CA PHE F 80 -35.38 10.25 7.22
C PHE F 80 -34.60 10.46 8.52
N TRP F 81 -33.27 10.48 8.41
CA TRP F 81 -32.46 10.63 9.60
C TRP F 81 -32.82 11.89 10.35
N LEU F 82 -33.11 12.98 9.61
CA LEU F 82 -33.47 14.22 10.28
C LEU F 82 -34.76 14.00 11.09
N ARG F 83 -35.79 13.45 10.44
CA ARG F 83 -37.05 13.22 11.14
C ARG F 83 -36.85 12.25 12.30
N PHE F 84 -35.99 11.24 12.14
CA PHE F 84 -35.73 10.28 13.21
C PHE F 84 -35.02 10.95 14.37
N LEU F 85 -33.94 11.67 14.05
CA LEU F 85 -33.16 12.31 15.09
C LEU F 85 -33.95 13.38 15.82
N ALA F 86 -34.98 13.95 15.18
CA ALA F 86 -35.88 14.86 15.89
C ALA F 86 -36.49 14.18 17.12
N GLY F 87 -37.32 13.15 16.89
CA GLY F 87 -37.98 12.47 17.99
C GLY F 87 -37.15 11.35 18.58
N ILE F 88 -35.93 11.67 18.98
CA ILE F 88 -35.08 10.72 19.70
C ILE F 88 -35.19 11.00 21.20
N GLN F 89 -35.84 12.11 21.54
CA GLN F 89 -36.22 12.43 22.91
C GLN F 89 -35.06 12.92 23.76
N LYS F 90 -35.39 13.36 24.98
CA LYS F 90 -34.40 13.78 25.96
C LYS F 90 -33.73 15.07 25.44
N PRO F 91 -32.77 15.70 26.17
CA PRO F 91 -32.08 16.85 25.58
C PRO F 91 -31.19 16.59 24.35
N HIS F 92 -31.45 15.53 23.57
CA HIS F 92 -30.57 15.17 22.46
C HIS F 92 -31.25 15.35 21.11
N ALA F 93 -32.46 15.90 21.15
CA ALA F 93 -33.30 15.98 19.96
C ALA F 93 -32.70 16.98 18.97
N MET F 94 -32.58 16.58 17.71
CA MET F 94 -32.31 17.56 16.68
C MET F 94 -33.48 18.55 16.74
N THR F 95 -33.20 19.83 17.08
CA THR F 95 -34.26 20.79 17.34
C THR F 95 -35.07 21.00 16.07
N PRO F 96 -36.38 21.30 16.18
CA PRO F 96 -37.22 21.40 14.99
C PRO F 96 -36.67 22.35 13.94
N HIS F 97 -36.10 23.46 14.43
CA HIS F 97 -35.42 24.42 13.57
C HIS F 97 -34.43 23.71 12.64
N GLN F 98 -33.50 22.99 13.25
CA GLN F 98 -32.42 22.35 12.50
C GLN F 98 -32.97 21.33 11.51
N VAL F 99 -34.03 20.60 11.88
CA VAL F 99 -34.65 19.70 10.92
C VAL F 99 -35.09 20.49 9.68
N GLU F 100 -35.72 21.65 9.91
CA GLU F 100 -36.22 22.48 8.81
C GLU F 100 -35.06 23.17 8.09
N THR F 101 -34.09 23.71 8.84
CA THR F 101 -33.00 24.47 8.25
C THR F 101 -31.91 23.60 7.67
N ALA F 102 -32.11 22.30 7.69
CA ALA F 102 -31.25 21.38 6.99
C ALA F 102 -32.02 20.79 5.85
N GLN F 103 -33.30 20.58 6.10
CA GLN F 103 -34.17 20.19 5.02
C GLN F 103 -34.03 21.17 3.87
N VAL F 104 -33.79 22.46 4.18
CA VAL F 104 -33.60 23.48 3.16
C VAL F 104 -32.33 23.20 2.36
N LEU F 105 -31.23 22.91 3.08
CA LEU F 105 -29.95 22.61 2.47
C LEU F 105 -30.04 21.34 1.62
N ILE F 106 -30.67 20.31 2.20
CA ILE F 106 -30.78 19.04 1.49
C ILE F 106 -31.67 19.22 0.28
N ALA F 107 -32.69 20.10 0.42
CA ALA F 107 -33.58 20.42 -0.69
C ALA F 107 -32.81 21.08 -1.85
N GLU F 108 -31.84 21.94 -1.51
CA GLU F 108 -31.04 22.59 -2.53
C GLU F 108 -30.24 21.54 -3.30
N VAL F 109 -29.62 20.60 -2.58
CA VAL F 109 -28.92 19.49 -3.20
C VAL F 109 -29.91 18.61 -3.95
N GLY F 110 -31.11 18.50 -3.39
CA GLY F 110 -32.17 17.75 -4.02
C GLY F 110 -32.51 18.30 -5.40
N ARG F 111 -32.69 19.63 -5.47
CA ARG F 111 -33.00 20.32 -6.71
C ARG F 111 -31.95 20.00 -7.77
N ILE F 112 -30.67 20.09 -7.38
CA ILE F 112 -29.57 19.94 -8.31
C ILE F 112 -29.47 18.50 -8.77
N LEU F 113 -29.74 17.59 -7.85
CA LEU F 113 -29.76 16.16 -8.17
C LEU F 113 -30.89 15.88 -9.15
N GLY F 114 -32.05 16.48 -8.89
CA GLY F 114 -33.19 16.36 -9.78
C GLY F 114 -32.87 16.84 -11.20
N SER F 115 -32.30 18.04 -11.32
CA SER F 115 -31.90 18.61 -12.59
C SER F 115 -30.90 17.71 -13.31
N TRP F 116 -29.96 17.16 -12.52
CA TRP F 116 -28.94 16.26 -13.03
C TRP F 116 -29.56 14.95 -13.51
N ILE F 117 -30.49 14.39 -12.73
CA ILE F 117 -31.23 13.20 -13.15
C ILE F 117 -31.93 13.48 -14.48
N ALA F 118 -32.56 14.65 -14.57
CA ALA F 118 -33.30 15.08 -15.76
C ALA F 118 -32.37 15.27 -16.96
N ARG F 119 -31.25 15.99 -16.75
CA ARG F 119 -30.26 16.23 -17.80
C ARG F 119 -29.80 14.90 -18.43
N VAL F 120 -29.61 13.89 -17.57
CA VAL F 120 -29.21 12.57 -18.03
C VAL F 120 -30.38 11.85 -18.69
N ASN F 121 -31.57 11.98 -18.09
CA ASN F 121 -32.72 11.24 -18.56
C ASN F 121 -33.18 11.75 -19.93
N ARG F 122 -33.28 13.07 -20.11
CA ARG F 122 -33.43 13.66 -21.44
C ARG F 122 -32.04 14.11 -21.91
N LYS F 123 -31.22 13.10 -22.22
CA LYS F 123 -29.87 13.20 -22.76
C LYS F 123 -29.70 14.52 -23.55
N1 DCP J . 30.69 4.99 -15.48
C2 DCP J . 29.37 4.67 -15.02
N3 DCP J . 28.26 5.16 -15.63
C4 DCP J . 28.43 6.00 -16.65
C5 DCP J . 29.68 6.41 -17.15
C6 DCP J . 30.80 5.89 -16.53
O2 DCP J . 29.24 3.85 -14.05
N4 DCP J . 27.29 6.50 -17.26
C1' DCP J . 31.96 4.42 -14.77
C2' DCP J . 32.58 3.32 -15.25
C3' DCP J . 33.81 3.97 -16.09
C4' DCP J . 34.22 4.86 -15.24
O4' DCP J . 32.99 5.52 -14.61
O3' DCP J . 34.83 2.99 -16.47
C5' DCP J . 35.14 5.98 -15.84
O5' DCP J . 34.46 6.78 -16.75
PA DCP J . 35.06 7.21 -18.23
O1A DCP J . 34.23 8.44 -18.69
O2A DCP J . 36.52 7.59 -18.19
O3A DCP J . 34.86 5.92 -19.30
PB DCP J . 35.84 4.55 -19.56
O1B DCP J . 34.97 3.37 -20.05
O2B DCP J . 36.54 4.20 -18.27
O3B DCP J . 36.95 5.00 -20.73
PG DCP J . 36.80 6.11 -21.97
O1G DCP J . 35.87 5.52 -23.01
O2G DCP J . 38.17 6.34 -22.53
O3G DCP J . 36.30 7.38 -21.39
MG MG K . 38.98 6.16 -19.87
#